data_4WM7
#
_entry.id   4WM7
#
_cell.length_a   323.200
_cell.length_b   346.100
_cell.length_c   355.500
_cell.angle_alpha   90.000
_cell.angle_beta   90.000
_cell.angle_gamma   90.000
#
_symmetry.space_group_name_H-M   'I 2 2 2'
#
loop_
_entity.id
_entity.type
_entity.pdbx_description
1 polymer VP1
2 polymer VP2
3 polymer VP3
4 polymer VP4
5 non-polymer 3-{3,5-DIMETHYL-4-[3-(3-METHYL-ISOXAZOL-5-YL)-PROPOXY]-PHENYL}-5-TRIFLUOROMETHYL-[1,2,4]OXADIAZOLE
6 water water
#
loop_
_entity_poly.entity_id
_entity_poly.type
_entity_poly.pdbx_seq_one_letter_code
_entity_poly.pdbx_strand_id
1 'polypeptide(L)'
;VESIIKTATDTVKSEINAELGVVPSLNAVETGATSNTEPEEAIQTRTVINQHGVSETLVENFLGRAALVSKKSFEYKNHA
SSSAGTHKNFFKWTINTKSFVQLRRKLELFTYLRFDAEITILTTVAVNGNNDSTYMGLPDLTLQAMFVPTGALTPKEQDS
FHWQSGSNASVFFKISDPPARMTIPFMCINSAYSVFYDGFAGFEKNGLYGINPADTIGNLCVRIVNEHQPVGFTVTVRVY
MKPKHIKAWAPRPPRTMPYMSIANANYKGRDTAPNTLNAIIGNRASVTTMPHNIVTT
;
A
2 'polypeptide(L)'
;SPSAEACGYSDRVLQLKLGNSAIVTQEAANYCCAYGEWPNYLPDHEAVAIDKPTQPETSTDRFYTLRSVKWESNSTGWWW
KLPDALNNIGMFGQNVQYHYLYRSGFLIHVQCNATKFHQGALLVVAIPEHQRGAHDTTTSPGFNDIMKGERGGTFNHPYV
LDDGTSIACATIFPHQWINLRTNNSATIVLPWMNVAPMDFPLRHNQWTLAVIPVVPLGTRTMSSVVPITVSIAPMCCEFN
GLRHAITQ
;
B
3 'polypeptide(L)'
;GVPTYLLPGSGQFLTTDDHSSAPVLPCFNPTPEMHIPGQIRNMLEMIQVESMMEINNTDGANGMERLRVDISVQADLDQL
LFNIPLDIQLDGPLRNTLVGNISRYYTHWSGSLEMTFMFCGSFMATGKLILCYTPPGGSCPTTRETAMLGTHIVWDFGLQ
SSITLIIPWISGSHYRMFNSDAKSTNANVGYVTCFMQTNLIVPSESSDTCSLIGFIAAKDDFSLRLMRDSPDIGQSNHLH
GAEAAYQ
;
C
4 'polypeptide(L)' GAQVTRQQTGTHENANIATNGSHITYNQINFYKDSYAASASKQDFSQDPSKFTEPVVEGLKAGAPVLK D
#
loop_
_chem_comp.id
_chem_comp.type
_chem_comp.name
_chem_comp.formula
W11 non-polymer 3-{3,5-DIMETHYL-4-[3-(3-METHYL-ISOXAZOL-5-YL)-PROPOXY]-PHENYL}-5-TRIFLUOROMETHYL-[1,2,4]OXADIAZOLE 'C18 H18 F3 N3 O3'
#
# COMPACT_ATOMS: atom_id res chain seq x y z
N VAL A 1 -19.01 -13.28 4.08
CA VAL A 1 -17.79 -12.45 3.83
C VAL A 1 -17.50 -11.49 4.98
N GLU A 2 -18.27 -10.40 5.04
CA GLU A 2 -18.09 -9.42 6.09
C GLU A 2 -18.59 -9.94 7.42
N SER A 3 -17.93 -9.53 8.50
CA SER A 3 -18.31 -9.97 9.82
C SER A 3 -17.61 -9.15 10.89
N ILE A 4 -18.08 -9.29 12.11
CA ILE A 4 -17.49 -8.57 13.22
C ILE A 4 -16.41 -9.43 13.87
N ILE A 5 -15.19 -8.91 13.89
CA ILE A 5 -14.06 -9.62 14.47
C ILE A 5 -13.57 -8.81 15.67
N LYS A 6 -13.64 -9.39 16.86
CA LYS A 6 -13.18 -8.68 18.06
C LYS A 6 -11.91 -9.30 18.63
N THR A 7 -11.66 -10.56 18.29
CA THR A 7 -10.48 -11.26 18.76
C THR A 7 -9.91 -12.13 17.63
N ALA A 8 -8.67 -12.57 17.79
CA ALA A 8 -8.03 -13.44 16.81
C ALA A 8 -8.83 -14.75 16.77
N THR A 9 -8.90 -15.36 15.60
CA THR A 9 -9.66 -16.60 15.46
C THR A 9 -9.06 -17.75 16.26
N ASP A 10 -9.94 -18.61 16.74
CA ASP A 10 -9.51 -19.75 17.53
C ASP A 10 -8.95 -20.83 16.63
N THR A 11 -8.33 -21.83 17.24
CA THR A 11 -7.76 -22.94 16.50
C THR A 11 -8.52 -24.19 16.94
N VAL A 12 -8.80 -25.06 15.98
CA VAL A 12 -9.51 -26.29 16.27
C VAL A 12 -8.53 -27.46 16.15
N LYS A 13 -8.71 -28.47 16.99
CA LYS A 13 -7.81 -29.62 16.93
C LYS A 13 -8.06 -30.31 15.60
N SER A 14 -6.99 -30.77 14.98
CA SER A 14 -7.10 -31.45 13.70
C SER A 14 -6.47 -32.83 13.80
N GLU A 15 -6.98 -33.76 13.02
CA GLU A 15 -6.48 -35.12 13.03
C GLU A 15 -5.58 -35.41 11.84
N ILE A 16 -5.19 -36.67 11.73
CA ILE A 16 -4.35 -37.13 10.65
C ILE A 16 -5.15 -37.05 9.34
N ASN A 17 -4.47 -36.76 8.25
CA ASN A 17 -5.11 -36.64 6.95
C ASN A 17 -4.43 -37.45 5.87
N ALA A 18 -5.23 -38.14 5.07
CA ALA A 18 -4.74 -38.94 3.96
C ALA A 18 -5.91 -39.07 3.00
N GLU A 19 -6.33 -37.95 2.43
CA GLU A 19 -7.46 -37.96 1.51
C GLU A 19 -7.03 -37.67 0.07
N LEU A 20 -7.50 -38.51 -0.85
CA LEU A 20 -7.20 -38.38 -2.25
C LEU A 20 -8.02 -37.23 -2.84
N GLY A 21 -7.39 -36.45 -3.71
CA GLY A 21 -8.10 -35.35 -4.34
C GLY A 21 -8.21 -34.11 -3.47
N VAL A 22 -7.70 -34.22 -2.24
CA VAL A 22 -7.74 -33.11 -1.30
C VAL A 22 -6.30 -32.70 -0.98
N VAL A 23 -5.90 -31.53 -1.46
CA VAL A 23 -4.55 -31.04 -1.21
C VAL A 23 -4.58 -29.59 -0.77
N PRO A 24 -5.00 -29.35 0.47
CA PRO A 24 -5.10 -28.00 1.04
C PRO A 24 -3.83 -27.16 1.01
N SER A 25 -2.67 -27.80 1.09
CA SER A 25 -1.42 -27.04 1.09
C SER A 25 -0.97 -26.58 -0.30
N LEU A 26 -1.62 -27.09 -1.34
CA LEU A 26 -1.30 -26.68 -2.70
C LEU A 26 -2.19 -25.51 -3.05
N ASN A 27 -1.60 -24.54 -3.75
CA ASN A 27 -2.32 -23.34 -4.15
C ASN A 27 -1.88 -22.88 -5.53
N ALA A 28 -2.49 -21.81 -6.01
CA ALA A 28 -2.13 -21.24 -7.30
C ALA A 28 -2.04 -19.72 -7.14
N VAL A 29 -0.82 -19.23 -6.96
CA VAL A 29 -0.58 -17.81 -6.80
C VAL A 29 -1.09 -17.00 -7.99
N GLU A 30 -1.05 -17.58 -9.18
CA GLU A 30 -1.50 -16.88 -10.38
C GLU A 30 -2.92 -16.33 -10.29
N THR A 31 -3.77 -16.95 -9.48
CA THR A 31 -5.16 -16.48 -9.36
C THR A 31 -5.25 -15.09 -8.75
N GLY A 32 -4.21 -14.69 -8.04
CA GLY A 32 -4.23 -13.38 -7.40
C GLY A 32 -4.74 -13.51 -5.97
N ALA A 33 -5.22 -14.70 -5.61
CA ALA A 33 -5.71 -14.94 -4.26
C ALA A 33 -4.56 -15.41 -3.37
N THR A 34 -4.62 -15.04 -2.09
CA THR A 34 -3.61 -15.45 -1.13
C THR A 34 -3.92 -16.87 -0.69
N SER A 35 -2.87 -17.64 -0.39
CA SER A 35 -3.03 -19.01 0.06
C SER A 35 -4.13 -19.13 1.10
N ASN A 36 -5.01 -20.13 0.94
CA ASN A 36 -6.09 -20.29 1.90
C ASN A 36 -5.90 -21.54 2.74
N THR A 37 -4.64 -21.97 2.88
CA THR A 37 -4.31 -23.14 3.67
C THR A 37 -4.44 -22.77 5.14
N GLU A 38 -5.23 -23.53 5.89
CA GLU A 38 -5.40 -23.26 7.31
C GLU A 38 -4.38 -24.07 8.10
N PRO A 39 -3.97 -23.56 9.26
CA PRO A 39 -2.99 -24.27 10.07
C PRO A 39 -3.46 -25.70 10.35
N GLU A 40 -4.76 -25.84 10.60
CA GLU A 40 -5.35 -27.13 10.87
C GLU A 40 -5.16 -28.13 9.72
N GLU A 41 -4.95 -27.61 8.51
CA GLU A 41 -4.76 -28.46 7.34
C GLU A 41 -3.30 -28.72 7.00
N ALA A 42 -2.39 -27.92 7.56
CA ALA A 42 -0.96 -28.07 7.28
C ALA A 42 -0.27 -28.96 8.30
N ILE A 43 -0.77 -28.95 9.53
CA ILE A 43 -0.20 -29.75 10.60
C ILE A 43 -1.32 -30.15 11.55
N GLN A 44 -0.99 -30.99 12.52
CA GLN A 44 -1.97 -31.39 13.52
C GLN A 44 -1.95 -30.33 14.61
N THR A 45 -3.11 -29.74 14.85
CA THR A 45 -3.25 -28.68 15.82
C THR A 45 -4.08 -29.13 17.00
N ARG A 46 -4.03 -28.34 18.06
CA ARG A 46 -4.80 -28.60 19.27
C ARG A 46 -5.90 -27.53 19.26
N THR A 47 -6.81 -27.58 20.21
CA THR A 47 -7.85 -26.57 20.28
C THR A 47 -7.29 -25.39 21.07
N VAL A 48 -7.49 -24.18 20.56
CA VAL A 48 -7.04 -23.00 21.27
C VAL A 48 -8.13 -21.95 21.24
N ILE A 49 -8.54 -21.51 22.42
CA ILE A 49 -9.56 -20.47 22.50
C ILE A 49 -8.73 -19.19 22.56
N ASN A 50 -8.60 -18.54 21.41
CA ASN A 50 -7.81 -17.33 21.32
C ASN A 50 -8.57 -16.08 21.76
N GLN A 51 -8.06 -15.44 22.80
CA GLN A 51 -8.66 -14.25 23.36
C GLN A 51 -7.89 -12.98 23.06
N HIS A 52 -6.98 -13.05 22.09
CA HIS A 52 -6.22 -11.87 21.74
C HIS A 52 -7.10 -10.86 21.04
N GLY A 53 -7.14 -9.64 21.57
CA GLY A 53 -7.94 -8.59 20.96
C GLY A 53 -7.29 -8.06 19.70
N VAL A 54 -8.08 -7.38 18.89
CA VAL A 54 -7.58 -6.82 17.63
C VAL A 54 -7.87 -5.32 17.53
N SER A 55 -8.08 -4.68 18.67
CA SER A 55 -8.39 -3.25 18.74
C SER A 55 -7.28 -2.32 18.27
N GLU A 56 -6.05 -2.57 18.70
CA GLU A 56 -4.96 -1.70 18.33
C GLU A 56 -4.68 -1.56 16.85
N THR A 57 -5.15 -2.51 16.05
CA THR A 57 -4.92 -2.42 14.61
C THR A 57 -6.10 -1.83 13.86
N LEU A 58 -7.11 -1.39 14.60
CA LEU A 58 -8.27 -0.75 13.97
C LEU A 58 -7.69 0.47 13.26
N VAL A 59 -8.14 0.75 12.05
CA VAL A 59 -7.62 1.89 11.32
C VAL A 59 -7.74 3.17 12.15
N GLU A 60 -8.89 3.33 12.82
CA GLU A 60 -9.13 4.49 13.65
C GLU A 60 -7.98 4.73 14.61
N ASN A 61 -7.44 3.65 15.15
CA ASN A 61 -6.34 3.76 16.09
C ASN A 61 -4.98 3.85 15.41
N PHE A 62 -4.79 3.06 14.36
CA PHE A 62 -3.52 3.08 13.64
C PHE A 62 -3.18 4.49 13.18
N LEU A 63 -4.16 5.21 12.64
CA LEU A 63 -3.93 6.58 12.19
C LEU A 63 -4.30 7.61 13.24
N GLY A 64 -5.02 7.18 14.28
CA GLY A 64 -5.46 8.07 15.33
C GLY A 64 -4.41 8.54 16.31
N ARG A 65 -3.37 9.21 15.81
CA ARG A 65 -2.29 9.73 16.64
C ARG A 65 -1.87 11.10 16.15
N ALA A 66 -1.66 12.02 17.09
CA ALA A 66 -1.25 13.37 16.73
C ALA A 66 0.19 13.33 16.24
N ALA A 67 0.40 13.81 15.02
CA ALA A 67 1.72 13.81 14.42
C ALA A 67 2.10 15.22 13.99
N LEU A 68 3.40 15.52 14.02
CA LEU A 68 3.87 16.84 13.61
C LEU A 68 3.65 17.00 12.10
N VAL A 69 2.95 18.06 11.70
CA VAL A 69 2.73 18.33 10.28
C VAL A 69 3.40 19.62 9.87
N SER A 70 3.70 20.46 10.85
CA SER A 70 4.34 21.74 10.55
C SER A 70 5.18 22.27 11.69
N LYS A 71 6.34 22.82 11.36
CA LYS A 71 7.25 23.38 12.34
C LYS A 71 7.91 24.60 11.73
N LYS A 72 7.74 25.74 12.37
CA LYS A 72 8.31 26.97 11.86
C LYS A 72 8.79 27.87 12.99
N SER A 73 10.04 28.31 12.89
CA SER A 73 10.58 29.21 13.87
C SER A 73 10.95 30.49 13.15
N PHE A 74 10.71 31.63 13.80
CA PHE A 74 11.02 32.92 13.22
C PHE A 74 11.48 33.90 14.30
N GLU A 75 11.91 35.08 13.87
CA GLU A 75 12.39 36.10 14.78
C GLU A 75 11.30 37.07 15.17
N TYR A 76 11.08 37.22 16.47
CA TYR A 76 10.09 38.14 16.97
C TYR A 76 10.90 39.33 17.46
N LYS A 77 10.89 40.40 16.67
CA LYS A 77 11.68 41.58 17.01
C LYS A 77 11.26 42.76 16.15
N ASN A 78 12.00 43.86 16.24
CA ASN A 78 11.70 45.03 15.43
C ASN A 78 12.39 44.82 14.09
N HIS A 79 11.59 44.62 13.04
CA HIS A 79 12.14 44.41 11.70
C HIS A 79 12.21 45.70 10.89
N ALA A 80 13.08 46.62 11.32
CA ALA A 80 13.22 47.88 10.59
C ALA A 80 14.50 47.90 9.76
N HIS A 87 10.49 36.67 7.54
CA HIS A 87 9.21 36.56 8.25
C HIS A 87 9.08 37.63 9.34
N LYS A 88 8.41 38.72 8.98
CA LYS A 88 8.23 39.85 9.87
C LYS A 88 7.22 39.70 11.03
N ASN A 89 7.58 38.87 12.01
CA ASN A 89 6.75 38.62 13.17
C ASN A 89 5.50 37.84 12.88
N PHE A 90 5.50 37.14 11.75
CA PHE A 90 4.36 36.32 11.37
C PHE A 90 4.76 35.51 10.16
N PHE A 91 4.07 34.40 9.94
CA PHE A 91 4.37 33.57 8.79
C PHE A 91 3.09 33.02 8.18
N LYS A 92 3.20 32.62 6.92
CA LYS A 92 2.09 32.08 6.16
C LYS A 92 2.52 30.69 5.71
N TRP A 93 1.75 29.66 6.07
CA TRP A 93 2.11 28.31 5.67
C TRP A 93 1.07 27.71 4.74
N THR A 94 1.49 27.31 3.55
CA THR A 94 0.58 26.67 2.62
C THR A 94 0.43 25.24 3.10
N ILE A 95 -0.70 24.97 3.74
CA ILE A 95 -0.99 23.66 4.31
C ILE A 95 -0.79 22.45 3.42
N ASN A 96 -0.11 21.44 3.98
CA ASN A 96 0.14 20.19 3.28
C ASN A 96 0.50 19.15 4.34
N THR A 97 0.36 17.87 4.00
CA THR A 97 0.66 16.79 4.95
C THR A 97 1.80 15.93 4.43
N LYS A 98 2.66 16.51 3.62
CA LYS A 98 3.78 15.79 3.02
C LYS A 98 5.16 16.23 3.46
N SER A 99 5.24 17.11 4.45
CA SER A 99 6.53 17.61 4.91
C SER A 99 7.30 16.77 5.90
N PHE A 100 6.60 16.01 6.74
CA PHE A 100 7.26 15.17 7.74
C PHE A 100 6.99 13.70 7.44
N VAL A 101 8.09 12.97 7.24
CA VAL A 101 8.01 11.57 6.85
C VAL A 101 7.24 10.59 7.71
N GLN A 102 7.28 10.73 9.02
CA GLN A 102 6.55 9.77 9.85
C GLN A 102 5.06 9.78 9.54
N LEU A 103 4.45 10.95 9.54
CA LEU A 103 3.02 11.03 9.25
C LEU A 103 2.76 10.69 7.80
N ARG A 104 3.56 11.26 6.91
CA ARG A 104 3.41 11.04 5.50
C ARG A 104 3.34 9.56 5.12
N ARG A 105 4.30 8.78 5.59
CA ARG A 105 4.35 7.37 5.26
C ARG A 105 3.12 6.62 5.70
N LYS A 106 2.61 6.91 6.89
CA LYS A 106 1.41 6.21 7.34
C LYS A 106 0.21 6.59 6.50
N LEU A 107 0.04 7.89 6.22
CA LEU A 107 -1.08 8.29 5.40
C LEU A 107 -0.96 7.63 4.04
N GLU A 108 0.25 7.53 3.53
CA GLU A 108 0.44 6.93 2.22
C GLU A 108 0.31 5.42 2.16
N LEU A 109 -0.16 4.82 3.25
CA LEU A 109 -0.37 3.38 3.25
C LEU A 109 -1.76 3.14 2.67
N PHE A 110 -2.47 4.24 2.41
CA PHE A 110 -3.83 4.15 1.87
C PHE A 110 -3.95 5.02 0.63
N THR A 111 -4.93 4.71 -0.21
CA THR A 111 -5.15 5.47 -1.44
C THR A 111 -6.09 6.63 -1.13
N TYR A 112 -7.18 6.33 -0.43
CA TYR A 112 -8.16 7.33 -0.07
C TYR A 112 -8.43 7.33 1.42
N LEU A 113 -8.62 8.52 1.98
CA LEU A 113 -8.87 8.66 3.41
C LEU A 113 -9.92 9.74 3.66
N ARG A 114 -10.89 9.43 4.52
CA ARG A 114 -11.92 10.38 4.89
C ARG A 114 -11.79 10.52 6.41
N PHE A 115 -11.54 11.75 6.88
CA PHE A 115 -11.40 11.95 8.32
C PHE A 115 -11.47 13.40 8.72
N ASP A 116 -11.86 13.62 9.98
CA ASP A 116 -11.91 14.96 10.54
C ASP A 116 -10.52 15.13 11.15
N ALA A 117 -10.01 16.35 11.17
CA ALA A 117 -8.66 16.56 11.69
C ALA A 117 -8.56 17.42 12.92
N GLU A 118 -8.03 16.81 13.99
CA GLU A 118 -7.84 17.53 15.23
C GLU A 118 -6.47 18.20 15.15
N ILE A 119 -6.47 19.52 15.23
CA ILE A 119 -5.25 20.31 15.14
C ILE A 119 -4.81 20.83 16.51
N THR A 120 -3.53 20.63 16.84
CA THR A 120 -3.00 21.11 18.10
C THR A 120 -1.78 21.97 17.79
N ILE A 121 -1.74 23.17 18.37
CA ILE A 121 -0.63 24.09 18.12
C ILE A 121 0.21 24.36 19.37
N LEU A 122 1.48 23.93 19.29
CA LEU A 122 2.43 24.08 20.38
C LEU A 122 3.45 25.20 20.09
N THR A 123 3.62 26.12 21.04
CA THR A 123 4.54 27.24 20.86
C THR A 123 5.62 27.34 21.92
N THR A 124 6.84 27.67 21.48
CA THR A 124 7.95 27.84 22.40
C THR A 124 8.74 29.08 21.98
N VAL A 125 9.42 29.69 22.95
CA VAL A 125 10.20 30.89 22.68
C VAL A 125 11.55 30.82 23.38
N ALA A 126 12.52 31.54 22.82
CA ALA A 126 13.87 31.62 23.37
C ALA A 126 14.44 33.01 23.09
N VAL A 127 15.17 33.55 24.05
CA VAL A 127 15.78 34.87 23.91
C VAL A 127 16.99 34.79 22.98
N ASN A 128 17.30 35.91 22.32
CA ASN A 128 18.47 35.95 21.44
C ASN A 128 19.66 36.55 22.18
N TYR A 135 20.04 36.83 29.34
CA TYR A 135 18.71 36.32 29.67
C TYR A 135 18.00 37.22 30.69
N MET A 136 16.79 37.66 30.35
CA MET A 136 16.03 38.54 31.24
C MET A 136 14.63 37.97 31.47
N GLY A 137 14.40 36.75 30.97
CA GLY A 137 13.10 36.11 31.13
C GLY A 137 12.34 35.90 29.83
N LEU A 138 11.41 34.95 29.83
CA LEU A 138 10.60 34.65 28.63
C LEU A 138 9.21 35.30 28.68
N PRO A 139 8.88 36.08 27.65
CA PRO A 139 7.58 36.77 27.56
C PRO A 139 6.43 35.83 27.26
N ASP A 140 5.28 36.07 27.90
CA ASP A 140 4.10 35.25 27.68
C ASP A 140 3.30 35.92 26.57
N LEU A 141 3.76 35.74 25.34
CA LEU A 141 3.14 36.34 24.17
C LEU A 141 1.79 35.76 23.78
N THR A 142 1.03 36.56 23.03
CA THR A 142 -0.27 36.14 22.52
C THR A 142 -0.09 35.94 21.02
N LEU A 143 -0.56 34.82 20.51
CA LEU A 143 -0.47 34.56 19.08
C LEU A 143 -1.86 34.40 18.50
N GLN A 144 -1.94 34.54 17.18
CA GLN A 144 -3.18 34.37 16.47
C GLN A 144 -2.89 33.47 15.27
N ALA A 145 -3.62 32.36 15.20
CA ALA A 145 -3.47 31.44 14.09
C ALA A 145 -4.74 31.62 13.29
N MET A 146 -4.62 32.06 12.05
CA MET A 146 -5.80 32.27 11.23
C MET A 146 -5.83 31.35 10.02
N PHE A 147 -6.94 30.64 9.87
CA PHE A 147 -7.11 29.74 8.75
C PHE A 147 -7.66 30.53 7.56
N VAL A 148 -6.80 30.72 6.56
CA VAL A 148 -7.16 31.45 5.36
C VAL A 148 -7.42 30.44 4.24
N PRO A 149 -8.70 30.11 3.98
CA PRO A 149 -9.04 29.15 2.93
C PRO A 149 -8.57 29.58 1.55
N THR A 150 -8.58 28.63 0.62
CA THR A 150 -8.17 28.88 -0.76
C THR A 150 -8.95 30.06 -1.32
N GLY A 151 -8.25 30.96 -2.01
CA GLY A 151 -8.92 32.10 -2.62
C GLY A 151 -9.05 33.34 -1.75
N ALA A 152 -8.85 33.19 -0.44
CA ALA A 152 -8.95 34.33 0.45
C ALA A 152 -7.60 35.06 0.46
N LEU A 153 -7.62 36.31 0.92
CA LEU A 153 -6.40 37.12 0.98
C LEU A 153 -5.57 36.81 2.22
N THR A 154 -4.27 36.64 2.03
CA THR A 154 -3.36 36.34 3.15
C THR A 154 -2.76 37.64 3.66
N PRO A 155 -2.49 37.71 4.97
CA PRO A 155 -1.90 38.89 5.61
C PRO A 155 -0.62 39.33 4.93
N LYS A 156 -0.47 40.63 4.77
CA LYS A 156 0.72 41.18 4.13
C LYS A 156 1.69 41.66 5.22
N GLU A 157 1.14 42.02 6.38
CA GLU A 157 1.95 42.49 7.50
C GLU A 157 1.42 42.04 8.85
N GLN A 158 2.29 42.14 9.87
CA GLN A 158 1.94 41.72 11.21
C GLN A 158 0.65 42.36 11.69
N ASP A 159 0.34 43.54 11.16
CA ASP A 159 -0.84 44.25 11.59
C ASP A 159 -1.80 44.65 10.47
N SER A 160 -1.75 43.96 9.33
CA SER A 160 -2.64 44.32 8.24
C SER A 160 -4.11 43.98 8.60
N PHE A 161 -5.05 44.61 7.90
CA PHE A 161 -6.47 44.41 8.16
C PHE A 161 -6.92 42.95 8.14
N HIS A 162 -6.21 42.13 7.37
CA HIS A 162 -6.60 40.72 7.27
C HIS A 162 -6.82 40.06 8.61
N TRP A 163 -6.04 40.48 9.59
CA TRP A 163 -6.16 39.88 10.92
C TRP A 163 -7.43 40.19 11.68
N GLN A 164 -8.25 41.12 11.21
CA GLN A 164 -9.47 41.39 11.96
C GLN A 164 -10.38 40.17 11.87
N SER A 165 -10.00 39.24 10.99
CA SER A 165 -10.68 37.97 10.83
C SER A 165 -12.20 38.00 11.00
N GLY A 166 -12.88 38.72 10.12
CA GLY A 166 -14.33 38.83 10.22
C GLY A 166 -15.08 37.56 9.87
N SER A 167 -14.50 36.74 9.01
CA SER A 167 -15.16 35.50 8.60
C SER A 167 -14.22 34.31 8.74
N ASN A 168 -12.92 34.54 8.51
CA ASN A 168 -11.97 33.46 8.65
C ASN A 168 -12.03 33.03 10.10
N ALA A 169 -11.64 31.80 10.37
CA ALA A 169 -11.62 31.32 11.74
C ALA A 169 -10.23 31.62 12.29
N SER A 170 -10.16 32.27 13.45
CA SER A 170 -8.88 32.55 14.07
C SER A 170 -8.91 32.03 15.50
N VAL A 171 -7.74 31.69 16.01
CA VAL A 171 -7.64 31.23 17.38
C VAL A 171 -6.52 32.03 18.02
N PHE A 172 -6.82 32.66 19.16
CA PHE A 172 -5.82 33.43 19.88
C PHE A 172 -5.45 32.62 21.09
N PHE A 173 -4.16 32.47 21.32
CA PHE A 173 -3.69 31.70 22.46
C PHE A 173 -2.42 32.30 23.03
N LYS A 174 -2.17 32.05 24.30
CA LYS A 174 -0.98 32.57 24.96
C LYS A 174 0.03 31.43 25.05
N ILE A 175 1.29 31.79 25.17
CA ILE A 175 2.32 30.78 25.30
C ILE A 175 2.20 30.02 26.62
N SER A 176 1.64 30.65 27.64
CA SER A 176 1.49 30.02 28.95
C SER A 176 0.28 29.07 29.03
N ASP A 177 -0.62 29.14 28.05
CA ASP A 177 -1.79 28.27 28.05
C ASP A 177 -1.41 26.92 27.46
N PRO A 178 -2.28 25.92 27.61
CA PRO A 178 -2.01 24.60 27.05
C PRO A 178 -2.04 24.80 25.52
N PRO A 179 -1.42 23.89 24.76
CA PRO A 179 -1.45 24.06 23.30
C PRO A 179 -2.88 24.35 22.82
N ALA A 180 -3.01 25.19 21.80
CA ALA A 180 -4.33 25.49 21.26
C ALA A 180 -4.85 24.25 20.54
N ARG A 181 -6.16 24.11 20.44
CA ARG A 181 -6.70 22.93 19.77
C ARG A 181 -8.13 23.10 19.27
N MET A 182 -8.37 22.57 18.08
CA MET A 182 -9.69 22.62 17.45
C MET A 182 -9.76 21.51 16.40
N THR A 183 -10.97 21.18 15.98
CA THR A 183 -11.13 20.15 14.97
C THR A 183 -11.52 20.72 13.62
N ILE A 184 -10.80 20.29 12.59
CA ILE A 184 -11.08 20.70 11.22
C ILE A 184 -11.91 19.56 10.66
N PRO A 185 -13.13 19.85 10.20
CA PRO A 185 -13.94 18.77 9.65
C PRO A 185 -13.36 18.21 8.37
N PHE A 186 -13.83 17.03 7.96
CA PHE A 186 -13.39 16.43 6.72
C PHE A 186 -13.89 17.47 5.72
N MET A 187 -12.98 18.15 5.04
CA MET A 187 -13.39 19.22 4.15
C MET A 187 -13.15 19.08 2.67
N CYS A 188 -12.92 17.88 2.19
CA CYS A 188 -12.68 17.71 0.77
C CYS A 188 -13.95 18.01 -0.03
N ILE A 189 -13.79 18.33 -1.31
CA ILE A 189 -14.94 18.58 -2.16
C ILE A 189 -15.45 17.23 -2.68
N ASN A 190 -14.71 16.17 -2.32
CA ASN A 190 -15.05 14.80 -2.70
C ASN A 190 -15.42 14.01 -1.45
N SER A 191 -15.81 12.75 -1.63
CA SER A 191 -16.19 11.90 -0.50
C SER A 191 -15.01 11.50 0.36
N ALA A 192 -13.80 11.70 -0.15
CA ALA A 192 -12.60 11.36 0.61
C ALA A 192 -11.40 12.09 0.04
N TYR A 193 -10.37 12.23 0.87
CA TYR A 193 -9.14 12.88 0.45
C TYR A 193 -8.40 11.89 -0.45
N SER A 194 -7.71 12.40 -1.46
CA SER A 194 -6.92 11.55 -2.35
C SER A 194 -5.50 11.61 -1.83
N VAL A 195 -5.05 10.54 -1.19
CA VAL A 195 -3.69 10.54 -0.68
C VAL A 195 -2.74 10.53 -1.87
N PHE A 196 -3.20 9.96 -2.98
CA PHE A 196 -2.44 9.91 -4.22
C PHE A 196 -3.34 10.35 -5.36
N TYR A 197 -2.76 11.06 -6.32
CA TYR A 197 -3.53 11.56 -7.45
C TYR A 197 -2.77 11.36 -8.74
N ASP A 198 -3.19 10.38 -9.53
CA ASP A 198 -2.52 10.11 -10.80
C ASP A 198 -3.15 11.00 -11.87
N GLY A 199 -2.99 12.31 -11.71
CA GLY A 199 -3.55 13.24 -12.66
C GLY A 199 -2.97 14.63 -12.53
N PHE A 200 -3.48 15.56 -13.33
CA PHE A 200 -2.99 16.94 -13.31
C PHE A 200 -3.99 17.92 -12.73
N ALA A 201 -3.47 19.00 -12.16
CA ALA A 201 -4.27 20.03 -11.51
C ALA A 201 -5.09 20.95 -12.42
N GLY A 202 -4.66 21.13 -13.67
CA GLY A 202 -5.39 22.01 -14.56
C GLY A 202 -5.76 21.44 -15.90
N PHE A 203 -6.50 22.22 -16.67
CA PHE A 203 -6.95 21.81 -17.99
C PHE A 203 -5.88 21.92 -19.06
N GLU A 204 -4.79 22.62 -18.75
CA GLU A 204 -3.71 22.77 -19.71
C GLU A 204 -2.66 21.69 -19.44
N LYS A 205 -1.76 21.48 -20.39
CA LYS A 205 -0.73 20.45 -20.24
C LYS A 205 0.44 20.85 -19.34
N ASN A 206 0.65 22.15 -19.18
CA ASN A 206 1.76 22.64 -18.35
C ASN A 206 1.44 22.50 -16.86
N GLY A 207 0.26 21.97 -16.53
CA GLY A 207 -0.12 21.82 -15.14
C GLY A 207 0.82 20.97 -14.29
N LEU A 208 0.55 20.96 -12.98
CA LEU A 208 1.35 20.19 -12.03
C LEU A 208 0.83 18.76 -11.89
N TYR A 209 1.73 17.79 -11.99
CA TYR A 209 1.33 16.40 -11.87
C TYR A 209 1.22 15.99 -10.41
N GLY A 210 0.23 15.16 -10.11
CA GLY A 210 0.02 14.71 -8.76
C GLY A 210 -0.63 15.80 -7.95
N ILE A 211 -0.87 15.54 -6.67
CA ILE A 211 -1.48 16.54 -5.79
C ILE A 211 -2.28 17.63 -6.54
N THR A 216 -5.92 21.53 -2.72
CA THR A 216 -5.52 22.74 -2.00
C THR A 216 -6.43 23.00 -0.80
N ILE A 217 -5.82 23.07 0.39
CA ILE A 217 -6.57 23.31 1.62
C ILE A 217 -6.58 24.80 1.93
N GLY A 218 -5.42 25.43 1.83
CA GLY A 218 -5.32 26.85 2.11
C GLY A 218 -4.05 27.23 2.85
N ASN A 219 -4.11 28.32 3.60
CA ASN A 219 -2.96 28.82 4.34
C ASN A 219 -3.22 29.03 5.82
N LEU A 220 -2.27 28.59 6.64
CA LEU A 220 -2.38 28.80 8.07
C LEU A 220 -1.46 29.98 8.33
N CYS A 221 -2.03 31.10 8.77
CA CYS A 221 -1.23 32.30 9.04
C CYS A 221 -1.13 32.53 10.54
N VAL A 222 0.11 32.58 11.01
CA VAL A 222 0.35 32.77 12.43
C VAL A 222 1.20 33.99 12.69
N ARG A 223 0.75 34.82 13.63
CA ARG A 223 1.49 36.01 13.99
C ARG A 223 1.51 36.16 15.50
N ILE A 224 2.39 37.02 15.96
CA ILE A 224 2.49 37.34 17.36
C ILE A 224 1.69 38.64 17.38
N VAL A 225 0.66 38.72 18.21
CA VAL A 225 -0.12 39.94 18.22
C VAL A 225 0.57 41.05 19.00
N ASN A 226 1.42 40.69 19.97
CA ASN A 226 2.15 41.70 20.74
C ASN A 226 3.07 42.51 19.82
N GLU A 227 3.23 43.80 20.10
CA GLU A 227 4.15 44.60 19.30
C GLU A 227 5.52 44.07 19.70
N HIS A 228 6.56 44.39 18.95
CA HIS A 228 7.88 43.88 19.28
C HIS A 228 8.43 44.41 20.59
N GLN A 229 9.30 43.63 21.24
CA GLN A 229 9.91 44.05 22.50
C GLN A 229 11.24 44.75 22.18
N PRO A 230 11.92 45.28 23.20
CA PRO A 230 13.20 45.96 22.99
C PRO A 230 14.30 45.00 22.53
N VAL A 231 14.10 43.72 22.78
CA VAL A 231 15.05 42.69 22.39
C VAL A 231 14.41 41.65 21.50
N GLY A 232 15.22 40.82 20.87
CA GLY A 232 14.69 39.80 19.98
C GLY A 232 14.51 38.43 20.62
N PHE A 233 13.56 37.67 20.07
CA PHE A 233 13.29 36.33 20.54
C PHE A 233 13.09 35.44 19.33
N THR A 234 13.29 34.14 19.51
CA THR A 234 13.06 33.21 18.44
C THR A 234 11.78 32.50 18.88
N VAL A 235 10.79 32.46 18.01
CA VAL A 235 9.54 31.79 18.34
C VAL A 235 9.34 30.63 17.40
N THR A 236 9.02 29.47 17.95
CA THR A 236 8.80 28.29 17.11
C THR A 236 7.39 27.78 17.33
N VAL A 237 6.70 27.54 16.22
CA VAL A 237 5.34 27.03 16.25
C VAL A 237 5.32 25.63 15.65
N ARG A 238 4.80 24.68 16.40
CA ARG A 238 4.70 23.31 15.93
C ARG A 238 3.21 22.98 15.82
N VAL A 239 2.80 22.47 14.66
CA VAL A 239 1.41 22.12 14.47
C VAL A 239 1.30 20.60 14.36
N TYR A 240 0.35 20.03 15.11
CA TYR A 240 0.14 18.59 15.08
C TYR A 240 -1.24 18.26 14.55
N MET A 241 -1.34 17.14 13.86
CA MET A 241 -2.62 16.72 13.32
C MET A 241 -2.94 15.30 13.74
N LYS A 242 -4.18 15.08 14.15
CA LYS A 242 -4.64 13.76 14.53
C LYS A 242 -5.95 13.45 13.83
N PRO A 243 -5.92 12.55 12.86
CA PRO A 243 -7.18 12.23 12.17
C PRO A 243 -8.10 11.39 13.07
N LYS A 244 -9.41 11.61 12.92
CA LYS A 244 -10.40 10.86 13.70
C LYS A 244 -11.65 10.65 12.84
N HIS A 245 -12.50 9.70 13.26
CA HIS A 245 -13.72 9.37 12.49
C HIS A 245 -13.22 8.96 11.11
N ILE A 246 -12.22 8.08 11.12
CA ILE A 246 -11.56 7.63 9.92
C ILE A 246 -12.16 6.47 9.13
N LYS A 247 -12.10 6.62 7.81
CA LYS A 247 -12.53 5.62 6.85
C LYS A 247 -11.40 5.60 5.84
N ALA A 248 -10.90 4.40 5.52
CA ALA A 248 -9.79 4.26 4.59
C ALA A 248 -10.08 3.26 3.48
N TRP A 249 -9.49 3.47 2.31
CA TRP A 249 -9.68 2.59 1.17
C TRP A 249 -8.41 2.29 0.39
N ALA A 250 -8.34 1.07 -0.14
CA ALA A 250 -7.23 0.60 -0.96
C ALA A 250 -5.82 0.77 -0.41
N PRO A 251 -5.39 -0.17 0.46
CA PRO A 251 -4.06 -0.14 1.07
C PRO A 251 -3.00 -0.17 -0.04
N ARG A 252 -1.82 0.38 0.26
CA ARG A 252 -0.75 0.45 -0.74
C ARG A 252 0.62 -0.03 -0.26
N PRO A 253 1.54 -0.31 -1.21
CA PRO A 253 2.88 -0.77 -0.85
C PRO A 253 3.54 0.38 -0.09
N PRO A 254 4.09 0.12 1.10
CA PRO A 254 4.75 1.15 1.90
C PRO A 254 5.95 1.80 1.22
N ARG A 255 6.22 3.06 1.57
CA ARG A 255 7.36 3.76 1.00
C ARG A 255 8.65 3.11 1.51
N THR A 256 9.64 2.96 0.64
CA THR A 256 10.90 2.37 1.03
C THR A 256 12.06 3.32 0.75
N MET A 257 12.03 3.98 -0.39
CA MET A 257 13.07 4.94 -0.75
C MET A 257 12.85 6.20 0.05
N PRO A 258 13.93 6.84 0.52
CA PRO A 258 13.75 8.08 1.29
C PRO A 258 12.95 9.09 0.46
N TYR A 259 12.20 9.96 1.12
CA TYR A 259 11.43 10.98 0.40
C TYR A 259 12.38 12.06 -0.09
N MET A 260 12.01 12.72 -1.18
CA MET A 260 12.85 13.79 -1.74
C MET A 260 12.13 15.14 -1.75
N SER A 261 10.86 15.13 -2.12
CA SER A 261 10.07 16.35 -2.21
C SER A 261 8.67 16.21 -1.62
N ILE A 262 8.07 17.32 -1.22
CA ILE A 262 6.72 17.28 -0.68
C ILE A 262 5.74 17.31 -1.85
N ALA A 263 6.24 17.66 -3.02
CA ALA A 263 5.41 17.78 -4.21
C ALA A 263 5.29 16.53 -5.06
N ASN A 264 6.09 15.51 -4.78
CA ASN A 264 6.04 14.31 -5.58
C ASN A 264 6.60 13.07 -4.91
N ALA A 265 6.56 11.96 -5.64
CA ALA A 265 7.05 10.69 -5.12
C ALA A 265 8.43 10.37 -5.66
N ASN A 266 9.13 11.40 -6.16
CA ASN A 266 10.46 11.20 -6.71
C ASN A 266 11.30 10.41 -5.72
N TYR A 267 12.20 9.59 -6.24
CA TYR A 267 13.04 8.74 -5.41
C TYR A 267 14.47 8.68 -5.92
N LYS A 268 15.38 8.30 -5.03
CA LYS A 268 16.80 8.22 -5.35
C LYS A 268 17.42 7.02 -4.60
N GLY A 269 16.96 6.82 -3.36
CA GLY A 269 17.46 5.73 -2.55
C GLY A 269 18.68 6.12 -1.75
N ARG A 270 18.93 5.40 -0.66
CA ARG A 270 20.09 5.65 0.19
C ARG A 270 21.37 5.37 -0.59
N ASP A 271 22.52 5.80 -0.09
CA ASP A 271 23.79 5.57 -0.77
C ASP A 271 24.20 4.10 -0.66
N THR A 272 23.86 3.47 0.46
CA THR A 272 24.19 2.06 0.68
C THR A 272 23.00 1.39 1.37
N ALA A 273 22.81 0.11 1.09
CA ALA A 273 21.72 -0.65 1.69
C ALA A 273 21.79 -0.49 3.21
N PRO A 274 20.63 -0.59 3.89
CA PRO A 274 19.32 -0.85 3.29
C PRO A 274 18.66 0.36 2.64
N ASN A 275 17.62 0.08 1.87
CA ASN A 275 16.84 1.10 1.20
C ASN A 275 17.55 1.90 0.14
N THR A 276 18.41 1.23 -0.61
CA THR A 276 19.10 1.86 -1.72
C THR A 276 18.23 1.39 -2.90
N LEU A 277 18.18 2.19 -3.97
CA LEU A 277 17.35 1.86 -5.12
C LEU A 277 17.70 0.48 -5.68
N ASN A 278 18.92 0.08 -5.42
CA ASN A 278 19.45 -1.17 -5.89
C ASN A 278 19.08 -2.38 -5.02
N ALA A 279 18.92 -2.15 -3.72
CA ALA A 279 18.59 -3.22 -2.78
C ALA A 279 17.91 -2.64 -1.54
N ILE A 280 16.66 -3.03 -1.33
CA ILE A 280 15.92 -2.53 -0.19
C ILE A 280 16.40 -3.19 1.10
N ILE A 281 16.64 -4.49 1.05
CA ILE A 281 17.11 -5.22 2.22
C ILE A 281 18.64 -5.28 2.18
N GLY A 282 19.27 -5.13 3.34
CA GLY A 282 20.72 -5.21 3.39
C GLY A 282 21.19 -6.59 2.96
N ASN A 283 22.41 -6.69 2.46
CA ASN A 283 22.95 -7.97 2.01
C ASN A 283 23.42 -8.92 3.11
N ARG A 284 23.43 -10.20 2.78
CA ARG A 284 23.95 -11.25 3.65
C ARG A 284 24.92 -11.99 2.72
N ALA A 285 25.88 -12.72 3.29
CA ALA A 285 26.86 -13.42 2.46
C ALA A 285 26.28 -14.25 1.31
N SER A 286 25.22 -15.01 1.58
CA SER A 286 24.60 -15.85 0.56
C SER A 286 23.21 -16.27 1.00
N VAL A 287 22.46 -16.93 0.11
CA VAL A 287 21.11 -17.38 0.43
C VAL A 287 21.09 -18.56 1.41
N THR A 288 22.27 -19.04 1.79
CA THR A 288 22.35 -20.15 2.74
C THR A 288 23.06 -19.67 4.00
N THR A 289 23.19 -18.36 4.13
CA THR A 289 23.85 -17.77 5.29
C THR A 289 22.80 -17.27 6.28
N MET A 290 22.86 -17.78 7.51
CA MET A 290 21.92 -17.35 8.54
C MET A 290 22.59 -16.24 9.36
N PRO A 291 22.20 -14.98 9.12
CA PRO A 291 22.72 -13.77 9.78
C PRO A 291 22.96 -13.79 11.29
N HIS A 292 21.94 -14.12 12.06
CA HIS A 292 22.12 -14.12 13.51
C HIS A 292 22.00 -15.53 14.05
N ASN A 293 22.66 -16.45 13.38
CA ASN A 293 22.62 -17.85 13.75
C ASN A 293 23.10 -18.07 15.18
N ILE A 294 22.36 -18.91 15.90
CA ILE A 294 22.68 -19.24 17.27
C ILE A 294 23.86 -20.19 17.29
N VAL A 295 24.96 -19.77 17.92
CA VAL A 295 26.16 -20.60 18.03
C VAL A 295 26.21 -21.12 19.46
N THR A 296 25.50 -22.21 19.72
CA THR A 296 25.43 -22.81 21.05
C THR A 296 26.73 -23.51 21.46
N SER B 10 -11.88 -26.52 -14.56
CA SER B 10 -13.04 -25.80 -15.15
C SER B 10 -12.95 -24.32 -14.82
N ASP B 11 -11.87 -23.91 -14.16
CA ASP B 11 -11.68 -22.50 -13.85
C ASP B 11 -10.38 -22.10 -14.55
N ARG B 12 -10.00 -22.95 -15.52
CA ARG B 12 -8.82 -22.74 -16.34
C ARG B 12 -9.31 -22.35 -17.73
N VAL B 13 -10.62 -22.47 -17.91
CA VAL B 13 -11.28 -22.16 -19.17
C VAL B 13 -12.24 -21.00 -18.92
N LEU B 14 -12.23 -20.02 -19.81
CA LEU B 14 -13.06 -18.84 -19.63
C LEU B 14 -13.39 -18.06 -20.90
N GLN B 15 -14.63 -17.59 -20.99
CA GLN B 15 -15.05 -16.77 -22.12
C GLN B 15 -15.66 -15.47 -21.60
N LEU B 16 -15.19 -14.35 -22.16
CA LEU B 16 -15.68 -13.03 -21.80
C LEU B 16 -16.38 -12.47 -23.03
N LYS B 17 -17.61 -11.98 -22.86
CA LYS B 17 -18.36 -11.43 -23.98
C LYS B 17 -18.99 -10.10 -23.64
N LEU B 18 -18.58 -9.06 -24.36
CA LEU B 18 -19.13 -7.73 -24.17
C LEU B 18 -19.38 -7.09 -25.52
N GLY B 19 -20.61 -6.62 -25.72
CA GLY B 19 -20.94 -5.99 -26.99
C GLY B 19 -20.67 -6.92 -28.15
N ASN B 20 -19.97 -6.44 -29.17
CA ASN B 20 -19.68 -7.27 -30.34
C ASN B 20 -18.32 -7.96 -30.23
N SER B 21 -17.80 -8.06 -29.01
CA SER B 21 -16.48 -8.67 -28.81
C SER B 21 -16.50 -9.83 -27.81
N ALA B 22 -15.64 -10.81 -28.06
CA ALA B 22 -15.54 -11.95 -27.16
C ALA B 22 -14.13 -12.48 -27.12
N ILE B 23 -13.75 -13.01 -25.97
CA ILE B 23 -12.43 -13.57 -25.79
C ILE B 23 -12.54 -14.88 -25.01
N VAL B 24 -11.75 -15.86 -25.41
CA VAL B 24 -11.74 -17.13 -24.70
C VAL B 24 -10.30 -17.42 -24.36
N THR B 25 -10.11 -18.24 -23.34
CA THR B 25 -8.78 -18.64 -22.93
C THR B 25 -8.93 -20.05 -22.40
N GLN B 26 -7.99 -20.92 -22.75
CA GLN B 26 -8.06 -22.30 -22.29
C GLN B 26 -7.05 -22.57 -21.18
N GLU B 27 -6.34 -21.53 -20.78
CA GLU B 27 -5.36 -21.64 -19.70
C GLU B 27 -5.41 -20.40 -18.82
N ALA B 28 -6.55 -20.23 -18.16
CA ALA B 28 -6.76 -19.10 -17.26
C ALA B 28 -6.45 -19.55 -15.83
N ALA B 29 -6.51 -18.60 -14.90
CA ALA B 29 -6.26 -18.88 -13.49
C ALA B 29 -7.43 -18.24 -12.74
N ASN B 30 -8.65 -18.71 -13.02
CA ASN B 30 -9.83 -18.13 -12.39
C ASN B 30 -9.76 -16.67 -12.86
N TYR B 31 -10.36 -15.74 -12.12
CA TYR B 31 -10.23 -14.33 -12.48
C TYR B 31 -10.56 -13.43 -11.31
N CYS B 32 -9.89 -12.29 -11.27
CA CYS B 32 -10.02 -11.35 -10.18
C CYS B 32 -11.05 -10.25 -10.33
N CYS B 33 -11.80 -10.01 -9.25
CA CYS B 33 -12.79 -8.94 -9.19
C CYS B 33 -12.22 -7.95 -8.19
N ALA B 34 -11.61 -6.88 -8.68
CA ALA B 34 -11.00 -5.90 -7.79
C ALA B 34 -11.81 -5.63 -6.55
N TYR B 35 -11.19 -5.82 -5.39
CA TYR B 35 -11.84 -5.57 -4.12
C TYR B 35 -13.20 -6.27 -3.99
N GLY B 36 -13.36 -7.36 -4.73
CA GLY B 36 -14.59 -8.12 -4.69
C GLY B 36 -15.80 -7.40 -5.22
N GLU B 37 -15.58 -6.29 -5.90
CA GLU B 37 -16.67 -5.49 -6.44
C GLU B 37 -16.95 -5.87 -7.90
N TRP B 38 -17.97 -5.25 -8.48
CA TRP B 38 -18.34 -5.48 -9.87
C TRP B 38 -18.90 -4.16 -10.39
N PRO B 39 -18.58 -3.79 -11.64
CA PRO B 39 -19.05 -2.53 -12.23
C PRO B 39 -20.56 -2.37 -12.19
N ASN B 40 -21.01 -1.12 -12.04
CA ASN B 40 -22.44 -0.82 -12.02
C ASN B 40 -22.64 0.64 -12.39
N TYR B 41 -23.84 0.97 -12.85
CA TYR B 41 -24.15 2.34 -13.23
C TYR B 41 -24.33 3.18 -11.97
N LEU B 42 -24.19 4.49 -12.14
CA LEU B 42 -24.31 5.42 -11.03
C LEU B 42 -25.75 5.57 -10.54
N PRO B 43 -26.01 5.20 -9.28
CA PRO B 43 -27.35 5.30 -8.71
C PRO B 43 -27.72 6.75 -8.40
N ASP B 44 -29.02 7.04 -8.39
CA ASP B 44 -29.50 8.39 -8.14
C ASP B 44 -29.04 8.98 -6.82
N HIS B 45 -28.93 8.16 -5.79
CA HIS B 45 -28.51 8.65 -4.49
C HIS B 45 -27.00 8.89 -4.35
N GLU B 46 -26.25 8.71 -5.43
CA GLU B 46 -24.81 8.97 -5.39
C GLU B 46 -24.44 9.98 -6.46
N ALA B 47 -25.39 10.30 -7.31
CA ALA B 47 -25.18 11.24 -8.42
C ALA B 47 -24.95 12.69 -8.03
N VAL B 48 -24.24 13.41 -8.89
CA VAL B 48 -23.93 14.81 -8.68
C VAL B 48 -24.34 15.65 -9.90
N ALA B 49 -23.79 15.32 -11.07
CA ALA B 49 -24.12 16.04 -12.31
C ALA B 49 -25.59 15.81 -12.60
N ILE B 50 -26.37 16.88 -12.76
CA ILE B 50 -27.80 16.73 -12.96
C ILE B 50 -28.30 16.50 -14.38
N ASP B 51 -27.44 16.69 -15.38
CA ASP B 51 -27.88 16.47 -16.74
C ASP B 51 -28.07 14.97 -16.98
N LYS B 52 -29.04 14.61 -17.80
CA LYS B 52 -29.29 13.20 -18.11
C LYS B 52 -28.08 12.68 -18.85
N PRO B 53 -27.48 11.59 -18.36
CA PRO B 53 -26.29 10.99 -18.97
C PRO B 53 -26.60 10.12 -20.18
N THR B 54 -25.57 9.84 -20.95
CA THR B 54 -25.70 8.98 -22.12
C THR B 54 -25.05 7.66 -21.72
N GLN B 55 -25.74 6.55 -21.97
CA GLN B 55 -25.21 5.23 -21.64
C GLN B 55 -25.17 4.44 -22.95
N PRO B 56 -24.08 4.61 -23.72
CA PRO B 56 -23.79 3.99 -25.02
C PRO B 56 -23.87 2.48 -25.05
N GLU B 57 -23.61 1.86 -23.90
CA GLU B 57 -23.62 0.42 -23.79
C GLU B 57 -22.66 -0.24 -24.77
N THR B 58 -23.21 -1.08 -25.65
CA THR B 58 -22.43 -1.84 -26.61
C THR B 58 -21.40 -1.11 -27.48
N SER B 59 -21.59 0.17 -27.76
CA SER B 59 -20.62 0.85 -28.61
C SER B 59 -19.35 1.24 -27.84
N THR B 60 -19.44 1.26 -26.51
CA THR B 60 -18.30 1.61 -25.65
C THR B 60 -17.89 0.46 -24.72
N ASP B 61 -18.87 -0.32 -24.28
CA ASP B 61 -18.59 -1.42 -23.38
C ASP B 61 -18.25 -2.65 -24.22
N ARG B 62 -17.01 -2.70 -24.69
CA ARG B 62 -16.53 -3.78 -25.53
C ARG B 62 -15.02 -3.83 -25.40
N PHE B 63 -14.43 -4.92 -25.86
CA PHE B 63 -12.98 -5.08 -25.80
C PHE B 63 -12.23 -4.30 -26.85
N TYR B 64 -11.22 -3.58 -26.40
CA TYR B 64 -10.36 -2.82 -27.29
C TYR B 64 -8.98 -3.41 -27.09
N THR B 65 -8.35 -3.84 -28.18
CA THR B 65 -7.02 -4.43 -28.07
C THR B 65 -5.94 -3.43 -28.50
N LEU B 66 -5.03 -3.15 -27.58
CA LEU B 66 -3.93 -2.21 -27.84
C LEU B 66 -2.80 -2.92 -28.59
N ARG B 67 -1.85 -2.15 -29.08
CA ARG B 67 -0.70 -2.73 -29.77
C ARG B 67 0.08 -3.60 -28.78
N SER B 68 0.59 -4.72 -29.25
CA SER B 68 1.35 -5.62 -28.39
C SER B 68 2.75 -5.10 -28.10
N VAL B 69 3.38 -5.70 -27.10
CA VAL B 69 4.75 -5.36 -26.73
C VAL B 69 5.51 -6.68 -26.79
N LYS B 70 6.82 -6.60 -27.01
CA LYS B 70 7.65 -7.80 -27.07
C LYS B 70 8.33 -8.06 -25.74
N TRP B 71 8.08 -9.23 -25.17
CA TRP B 71 8.70 -9.62 -23.90
C TRP B 71 10.13 -10.04 -24.19
N GLU B 72 11.09 -9.24 -23.73
CA GLU B 72 12.49 -9.57 -23.96
C GLU B 72 13.19 -9.97 -22.68
N SER B 73 14.32 -10.65 -22.85
CA SER B 73 15.12 -11.14 -21.74
C SER B 73 15.49 -10.06 -20.73
N ASN B 74 15.62 -8.83 -21.19
CA ASN B 74 15.99 -7.72 -20.33
C ASN B 74 14.88 -6.70 -20.15
N SER B 75 13.64 -7.10 -20.35
CA SER B 75 12.51 -6.19 -20.20
C SER B 75 12.33 -5.81 -18.73
N THR B 76 11.88 -4.59 -18.49
CA THR B 76 11.66 -4.12 -17.13
C THR B 76 10.18 -4.07 -16.76
N GLY B 77 9.32 -4.09 -17.78
CA GLY B 77 7.89 -4.05 -17.50
C GLY B 77 7.17 -2.96 -18.27
N TRP B 78 5.86 -3.09 -18.39
CA TRP B 78 5.06 -2.13 -19.13
C TRP B 78 3.87 -1.64 -18.31
N TRP B 79 3.33 -0.49 -18.69
CA TRP B 79 2.17 0.04 -18.02
C TRP B 79 1.30 0.83 -18.97
N TRP B 80 0.01 0.87 -18.67
CA TRP B 80 -0.98 1.58 -19.46
C TRP B 80 -1.92 2.24 -18.46
N LYS B 81 -2.17 3.53 -18.62
CA LYS B 81 -3.05 4.22 -17.71
C LYS B 81 -4.47 4.32 -18.27
N LEU B 82 -5.47 4.07 -17.42
CA LEU B 82 -6.86 4.15 -17.82
C LEU B 82 -7.48 5.37 -17.15
N PRO B 83 -8.32 6.10 -17.90
CA PRO B 83 -8.71 5.83 -19.28
C PRO B 83 -7.82 6.38 -20.41
N ASP B 84 -6.68 6.98 -20.06
CA ASP B 84 -5.82 7.55 -21.10
C ASP B 84 -5.55 6.62 -22.27
N ALA B 85 -5.18 5.38 -21.97
CA ALA B 85 -4.87 4.38 -22.99
C ALA B 85 -5.97 4.23 -24.03
N LEU B 86 -7.22 4.50 -23.63
CA LEU B 86 -8.34 4.35 -24.53
C LEU B 86 -8.99 5.66 -24.96
N ASN B 87 -8.53 6.77 -24.41
CA ASN B 87 -9.14 8.05 -24.75
C ASN B 87 -9.18 8.44 -26.22
N ASN B 88 -8.54 7.64 -27.06
CA ASN B 88 -8.54 7.96 -28.49
C ASN B 88 -8.90 6.75 -29.35
N ILE B 89 -9.55 5.78 -28.74
CA ILE B 89 -9.93 4.57 -29.45
C ILE B 89 -11.43 4.38 -29.58
N GLY B 90 -11.88 4.13 -30.80
CA GLY B 90 -13.29 3.88 -31.05
C GLY B 90 -14.31 4.85 -30.48
N MET B 91 -15.52 4.36 -30.29
CA MET B 91 -16.59 5.18 -29.74
C MET B 91 -16.33 5.57 -28.29
N PHE B 92 -15.54 4.77 -27.58
CA PHE B 92 -15.24 5.13 -26.21
C PHE B 92 -14.49 6.45 -26.27
N GLY B 93 -13.44 6.49 -27.09
CA GLY B 93 -12.64 7.70 -27.23
C GLY B 93 -13.46 8.89 -27.68
N GLN B 94 -14.41 8.67 -28.59
CA GLN B 94 -15.24 9.76 -29.06
C GLN B 94 -16.07 10.36 -27.93
N ASN B 95 -16.73 9.52 -27.17
CA ASN B 95 -17.54 9.99 -26.07
C ASN B 95 -16.70 10.77 -25.08
N VAL B 96 -15.51 10.25 -24.81
CA VAL B 96 -14.57 10.88 -23.89
C VAL B 96 -14.16 12.27 -24.39
N GLN B 97 -13.98 12.41 -25.70
CA GLN B 97 -13.57 13.69 -26.25
C GLN B 97 -14.70 14.72 -26.30
N TYR B 98 -15.94 14.23 -26.40
CA TYR B 98 -17.12 15.08 -26.48
C TYR B 98 -17.80 15.38 -25.16
N HIS B 99 -17.40 14.68 -24.11
CA HIS B 99 -18.01 14.89 -22.78
C HIS B 99 -16.98 15.33 -21.76
N TYR B 100 -17.42 16.18 -20.85
CA TYR B 100 -16.56 16.69 -19.80
C TYR B 100 -16.38 15.61 -18.72
N LEU B 101 -17.45 14.87 -18.43
CA LEU B 101 -17.41 13.82 -17.42
C LEU B 101 -17.67 12.41 -17.96
N TYR B 102 -16.99 11.44 -17.35
CA TYR B 102 -17.15 10.05 -17.72
C TYR B 102 -17.12 9.20 -16.45
N ARG B 103 -17.45 7.93 -16.61
CA ARG B 103 -17.49 6.97 -15.51
C ARG B 103 -17.59 5.59 -16.11
N SER B 104 -16.82 4.64 -15.58
CA SER B 104 -16.88 3.27 -16.10
C SER B 104 -15.97 2.33 -15.34
N GLY B 105 -16.28 1.06 -15.46
CA GLY B 105 -15.46 0.03 -14.85
C GLY B 105 -14.63 -0.46 -16.03
N PHE B 106 -13.83 -1.49 -15.83
CA PHE B 106 -13.01 -2.01 -16.91
C PHE B 106 -12.83 -3.51 -16.73
N LEU B 107 -12.83 -4.23 -17.84
CA LEU B 107 -12.59 -5.66 -17.80
C LEU B 107 -11.23 -5.79 -18.49
N ILE B 108 -10.20 -6.14 -17.73
CA ILE B 108 -8.85 -6.26 -18.27
C ILE B 108 -8.44 -7.70 -18.53
N HIS B 109 -7.88 -7.94 -19.71
CA HIS B 109 -7.45 -9.27 -20.08
C HIS B 109 -6.09 -9.19 -20.73
N VAL B 110 -5.05 -9.59 -19.99
CA VAL B 110 -3.70 -9.56 -20.50
C VAL B 110 -3.37 -10.96 -20.98
N GLN B 111 -2.83 -11.06 -22.18
CA GLN B 111 -2.54 -12.37 -22.71
C GLN B 111 -1.10 -12.55 -23.16
N CYS B 112 -0.55 -13.73 -22.88
CA CYS B 112 0.81 -14.07 -23.22
C CYS B 112 1.03 -15.58 -23.19
N ASN B 113 1.32 -16.15 -24.35
CA ASN B 113 1.57 -17.58 -24.44
C ASN B 113 2.98 -17.83 -24.93
N ALA B 114 3.49 -19.02 -24.65
CA ALA B 114 4.83 -19.40 -25.06
C ALA B 114 4.83 -20.91 -25.28
N THR B 115 5.89 -21.57 -24.81
CA THR B 115 6.03 -23.01 -24.98
C THR B 115 6.17 -23.69 -23.63
N LYS B 116 5.95 -25.02 -23.61
CA LYS B 116 6.11 -25.76 -22.37
C LYS B 116 7.60 -25.87 -22.02
N PHE B 117 8.42 -25.23 -22.84
CA PHE B 117 9.86 -25.22 -22.62
C PHE B 117 10.27 -23.80 -22.22
N HIS B 118 9.30 -22.91 -22.12
CA HIS B 118 9.58 -21.54 -21.71
C HIS B 118 9.22 -21.35 -20.26
N GLN B 119 9.88 -20.39 -19.62
CA GLN B 119 9.60 -20.06 -18.24
C GLN B 119 9.59 -18.54 -18.15
N GLY B 120 8.82 -18.03 -17.20
CA GLY B 120 8.74 -16.60 -17.02
C GLY B 120 7.49 -16.34 -16.21
N ALA B 121 7.49 -15.26 -15.45
CA ALA B 121 6.33 -14.93 -14.64
C ALA B 121 6.10 -13.43 -14.66
N LEU B 122 4.90 -13.05 -15.04
CA LEU B 122 4.52 -11.64 -15.11
C LEU B 122 3.54 -11.31 -14.01
N LEU B 123 3.77 -10.21 -13.32
CA LEU B 123 2.84 -9.76 -12.29
C LEU B 123 1.93 -8.82 -13.08
N VAL B 124 0.64 -9.08 -13.05
CA VAL B 124 -0.33 -8.24 -13.75
C VAL B 124 -1.17 -7.58 -12.65
N VAL B 125 -0.88 -6.32 -12.37
CA VAL B 125 -1.59 -5.62 -11.30
C VAL B 125 -2.26 -4.31 -11.72
N ALA B 126 -3.47 -4.10 -11.23
CA ALA B 126 -4.22 -2.87 -11.52
C ALA B 126 -4.04 -1.98 -10.30
N ILE B 127 -3.25 -0.92 -10.48
CA ILE B 127 -2.95 0.01 -9.40
C ILE B 127 -3.85 1.24 -9.41
N PRO B 128 -4.61 1.45 -8.33
CA PRO B 128 -5.48 2.63 -8.31
C PRO B 128 -4.62 3.86 -8.02
N GLU B 129 -4.93 4.97 -8.67
CA GLU B 129 -4.16 6.20 -8.46
C GLU B 129 -2.67 5.95 -8.45
N HIS B 130 -2.12 5.35 -9.50
CA HIS B 130 -0.69 5.14 -9.51
C HIS B 130 0.03 6.42 -9.90
N GLN B 131 0.39 7.21 -8.90
CA GLN B 131 1.09 8.46 -9.12
C GLN B 131 2.57 8.18 -9.26
N ARG B 132 3.10 8.33 -10.46
CA ARG B 132 4.51 8.07 -10.73
C ARG B 132 5.43 9.09 -10.12
N GLY B 133 6.68 8.66 -9.92
CA GLY B 133 7.69 9.53 -9.37
C GLY B 133 8.86 9.51 -10.32
N ALA B 134 9.62 10.59 -10.37
CA ALA B 134 10.79 10.67 -11.23
C ALA B 134 11.99 10.18 -10.45
N HIS B 135 13.02 9.71 -11.16
CA HIS B 135 14.20 9.18 -10.51
C HIS B 135 15.35 10.16 -10.38
N ASP B 136 15.88 10.27 -9.16
CA ASP B 136 17.03 11.11 -8.86
C ASP B 136 16.93 12.56 -9.34
N THR B 137 15.86 13.22 -8.94
CA THR B 137 15.62 14.62 -9.28
C THR B 137 14.47 15.09 -8.41
N THR B 138 14.39 16.40 -8.18
CA THR B 138 13.31 16.93 -7.37
C THR B 138 12.15 17.40 -8.24
N THR B 139 12.37 17.43 -9.55
CA THR B 139 11.35 17.87 -10.50
C THR B 139 10.28 16.81 -10.74
N SER B 140 9.02 17.18 -10.56
CA SER B 140 7.92 16.26 -10.75
C SER B 140 7.80 15.81 -12.21
N PRO B 141 7.29 14.59 -12.44
CA PRO B 141 7.13 14.07 -13.80
C PRO B 141 6.30 15.04 -14.66
N GLY B 142 6.63 15.11 -15.95
CA GLY B 142 5.91 15.98 -16.85
C GLY B 142 4.73 15.31 -17.53
N PHE B 143 3.98 16.09 -18.31
CA PHE B 143 2.81 15.58 -19.01
C PHE B 143 3.15 14.39 -19.92
N ASN B 144 4.21 14.54 -20.73
CA ASN B 144 4.60 13.48 -21.64
C ASN B 144 5.17 12.27 -20.92
N ASP B 145 5.60 12.45 -19.68
CA ASP B 145 6.13 11.32 -18.92
C ASP B 145 4.96 10.47 -18.44
N ILE B 146 3.80 11.11 -18.31
CA ILE B 146 2.63 10.43 -17.81
C ILE B 146 1.61 9.97 -18.84
N MET B 147 1.29 10.84 -19.80
CA MET B 147 0.28 10.52 -20.81
C MET B 147 0.86 9.88 -22.07
N LYS B 148 0.86 8.55 -22.09
CA LYS B 148 1.40 7.80 -23.22
C LYS B 148 0.35 7.29 -24.20
N GLY B 149 -0.91 7.32 -23.79
CA GLY B 149 -1.96 6.84 -24.67
C GLY B 149 -1.90 5.34 -24.92
N GLU B 150 -2.34 4.89 -26.10
CA GLU B 150 -2.35 3.47 -26.46
C GLU B 150 -1.02 2.75 -26.31
N ARG B 151 0.07 3.45 -26.59
CA ARG B 151 1.38 2.84 -26.51
C ARG B 151 1.76 2.46 -25.08
N GLY B 152 1.35 3.27 -24.12
CA GLY B 152 1.70 2.97 -22.74
C GLY B 152 3.17 3.28 -22.52
N GLY B 153 3.66 3.02 -21.31
CA GLY B 153 5.05 3.28 -21.02
C GLY B 153 5.74 2.04 -20.45
N THR B 154 6.95 2.23 -19.97
CA THR B 154 7.70 1.14 -19.38
C THR B 154 8.27 1.60 -18.04
N PHE B 155 8.60 0.65 -17.18
CA PHE B 155 9.15 0.96 -15.88
C PHE B 155 10.64 1.21 -15.94
N ASN B 156 11.10 2.19 -15.18
CA ASN B 156 12.53 2.51 -15.14
C ASN B 156 13.14 1.70 -14.02
N HIS B 157 12.40 1.62 -12.91
CA HIS B 157 12.81 0.91 -11.72
C HIS B 157 11.63 0.12 -11.16
N PRO B 158 11.21 -0.93 -11.87
CA PRO B 158 10.08 -1.75 -11.44
C PRO B 158 10.20 -2.22 -9.99
N TYR B 159 11.44 -2.42 -9.54
CA TYR B 159 11.71 -2.86 -8.17
C TYR B 159 10.94 -2.01 -7.15
N VAL B 160 10.80 -0.71 -7.43
CA VAL B 160 10.07 0.18 -6.53
C VAL B 160 8.85 0.78 -7.22
N LEU B 161 8.36 0.09 -8.25
CA LEU B 161 7.19 0.54 -8.99
C LEU B 161 7.29 1.98 -9.45
N ASP B 162 8.52 2.42 -9.73
CA ASP B 162 8.73 3.79 -10.17
C ASP B 162 8.04 4.83 -9.30
N ASP B 163 7.87 4.54 -8.02
CA ASP B 163 7.23 5.52 -7.15
C ASP B 163 7.79 5.49 -5.75
N GLY B 164 8.96 4.85 -5.60
CA GLY B 164 9.60 4.80 -4.31
C GLY B 164 9.07 3.79 -3.32
N THR B 165 8.15 2.93 -3.75
CA THR B 165 7.62 1.92 -2.83
C THR B 165 8.27 0.57 -3.12
N SER B 166 7.50 -0.40 -3.60
CA SER B 166 8.10 -1.70 -3.89
C SER B 166 7.15 -2.61 -4.63
N ILE B 167 7.68 -3.37 -5.58
CA ILE B 167 6.84 -4.29 -6.32
C ILE B 167 6.50 -5.48 -5.41
N ALA B 168 7.38 -5.74 -4.44
CA ALA B 168 7.16 -6.85 -3.52
C ALA B 168 5.80 -6.78 -2.83
N CYS B 169 5.37 -5.57 -2.48
CA CYS B 169 4.08 -5.40 -1.82
C CYS B 169 2.96 -4.98 -2.76
N ALA B 170 3.24 -4.95 -4.06
CA ALA B 170 2.24 -4.55 -5.05
C ALA B 170 1.04 -5.50 -5.05
N THR B 171 1.23 -6.70 -4.52
CA THR B 171 0.14 -7.68 -4.47
C THR B 171 -1.02 -7.20 -3.61
N ILE B 172 -0.83 -6.09 -2.90
CA ILE B 172 -1.90 -5.55 -2.07
C ILE B 172 -3.00 -5.01 -2.99
N PHE B 173 -2.64 -4.78 -4.25
CA PHE B 173 -3.57 -4.28 -5.26
C PHE B 173 -4.20 -5.44 -6.04
N PRO B 174 -5.35 -5.20 -6.69
CA PRO B 174 -6.02 -6.24 -7.48
C PRO B 174 -5.02 -6.76 -8.50
N HIS B 175 -4.83 -8.07 -8.58
CA HIS B 175 -3.86 -8.61 -9.51
C HIS B 175 -4.04 -10.09 -9.78
N GLN B 176 -3.18 -10.57 -10.67
CA GLN B 176 -3.08 -11.96 -11.07
C GLN B 176 -1.66 -12.09 -11.60
N TRP B 177 -1.25 -13.30 -11.94
CA TRP B 177 0.08 -13.50 -12.49
C TRP B 177 -0.08 -14.34 -13.75
N ILE B 178 0.90 -14.26 -14.63
CA ILE B 178 0.92 -15.11 -15.79
C ILE B 178 2.25 -15.83 -15.64
N ASN B 179 2.16 -17.06 -15.17
CA ASN B 179 3.32 -17.92 -14.96
C ASN B 179 3.24 -18.91 -16.12
N LEU B 180 4.11 -18.72 -17.10
CA LEU B 180 4.12 -19.55 -18.31
C LEU B 180 3.85 -21.05 -18.20
N ARG B 181 4.34 -21.71 -17.15
CA ARG B 181 4.09 -23.14 -17.02
C ARG B 181 2.67 -23.39 -16.55
N THR B 182 2.00 -22.35 -16.06
CA THR B 182 0.66 -22.50 -15.53
C THR B 182 -0.49 -21.97 -16.38
N ASN B 183 -0.41 -20.70 -16.78
CA ASN B 183 -1.47 -20.08 -17.56
C ASN B 183 -0.92 -19.17 -18.64
N ASN B 184 -1.79 -18.69 -19.52
CA ASN B 184 -1.36 -17.80 -20.60
C ASN B 184 -2.15 -16.50 -20.63
N SER B 185 -2.92 -16.24 -19.59
CA SER B 185 -3.69 -14.99 -19.55
C SER B 185 -4.10 -14.64 -18.13
N ALA B 186 -4.40 -13.37 -17.93
CA ALA B 186 -4.83 -12.86 -16.63
C ALA B 186 -6.06 -12.02 -16.89
N THR B 187 -7.03 -12.08 -15.98
CA THR B 187 -8.25 -11.32 -16.15
C THR B 187 -8.61 -10.60 -14.87
N ILE B 188 -8.78 -9.28 -14.97
CA ILE B 188 -9.14 -8.47 -13.82
C ILE B 188 -10.32 -7.58 -14.15
N VAL B 189 -11.36 -7.65 -13.32
CA VAL B 189 -12.55 -6.83 -13.50
C VAL B 189 -12.44 -5.66 -12.54
N LEU B 190 -12.37 -4.44 -13.08
CA LEU B 190 -12.24 -3.25 -12.25
C LEU B 190 -13.50 -2.43 -12.17
N PRO B 191 -13.95 -2.12 -10.96
CA PRO B 191 -15.16 -1.31 -10.80
C PRO B 191 -14.71 0.15 -10.86
N TRP B 192 -15.64 1.09 -10.84
CA TRP B 192 -15.27 2.50 -10.85
C TRP B 192 -14.50 2.72 -9.56
N MET B 193 -13.35 3.36 -9.65
CA MET B 193 -12.54 3.61 -8.46
C MET B 193 -12.20 5.09 -8.37
N ASN B 194 -12.87 5.81 -7.50
CA ASN B 194 -12.60 7.23 -7.38
C ASN B 194 -13.30 7.77 -6.15
N VAL B 195 -12.96 9.00 -5.76
CA VAL B 195 -13.60 9.63 -4.60
C VAL B 195 -14.80 10.44 -5.08
N ALA B 196 -14.98 10.50 -6.40
CA ALA B 196 -16.09 11.23 -7.02
C ALA B 196 -16.86 10.26 -7.91
N PRO B 197 -18.17 10.48 -8.05
CA PRO B 197 -19.02 9.62 -8.88
C PRO B 197 -18.65 9.64 -10.37
N MET B 198 -17.98 10.69 -10.80
CA MET B 198 -17.57 10.81 -12.20
C MET B 198 -16.31 11.64 -12.24
N ASP B 199 -15.67 11.69 -13.40
CA ASP B 199 -14.46 12.48 -13.50
C ASP B 199 -14.19 12.95 -14.93
N PHE B 200 -13.24 13.87 -15.06
CA PHE B 200 -12.83 14.40 -16.35
C PHE B 200 -11.74 13.43 -16.82
N PRO B 201 -12.03 12.68 -17.90
CA PRO B 201 -11.13 11.69 -18.49
C PRO B 201 -9.78 12.11 -19.06
N LEU B 202 -9.63 13.38 -19.41
CA LEU B 202 -8.38 13.81 -20.01
C LEU B 202 -7.25 14.21 -19.08
N ARG B 203 -7.55 14.44 -17.79
CA ARG B 203 -6.49 14.86 -16.90
C ARG B 203 -6.30 14.02 -15.64
N HIS B 204 -6.96 12.87 -15.58
CA HIS B 204 -6.84 12.01 -14.41
C HIS B 204 -7.08 10.53 -14.74
N ASN B 205 -6.18 9.67 -14.28
CA ASN B 205 -6.31 8.25 -14.54
C ASN B 205 -6.61 7.47 -13.27
N GLN B 206 -7.79 6.83 -13.25
CA GLN B 206 -8.21 6.04 -12.09
C GLN B 206 -7.33 4.83 -11.85
N TRP B 207 -7.07 4.07 -12.90
CA TRP B 207 -6.26 2.86 -12.79
C TRP B 207 -5.06 2.86 -13.70
N THR B 208 -4.07 2.08 -13.32
CA THR B 208 -2.88 1.91 -14.12
C THR B 208 -2.66 0.41 -14.21
N LEU B 209 -2.60 -0.10 -15.43
CA LEU B 209 -2.35 -1.50 -15.63
C LEU B 209 -0.85 -1.70 -15.76
N ALA B 210 -0.28 -2.48 -14.85
CA ALA B 210 1.16 -2.74 -14.89
C ALA B 210 1.40 -4.23 -15.08
N VAL B 211 2.28 -4.54 -16.02
CA VAL B 211 2.65 -5.91 -16.35
C VAL B 211 4.16 -5.94 -16.19
N ILE B 212 4.63 -6.56 -15.11
CA ILE B 212 6.06 -6.60 -14.82
C ILE B 212 6.63 -8.00 -14.75
N PRO B 213 7.72 -8.26 -15.47
CA PRO B 213 8.34 -9.60 -15.46
C PRO B 213 9.23 -9.80 -14.23
N VAL B 214 8.66 -10.31 -13.15
CA VAL B 214 9.41 -10.56 -11.92
C VAL B 214 10.40 -11.69 -12.19
N VAL B 215 10.00 -12.65 -13.01
CA VAL B 215 10.87 -13.75 -13.38
C VAL B 215 11.06 -13.62 -14.88
N PRO B 216 12.29 -13.31 -15.32
CA PRO B 216 12.59 -13.15 -16.75
C PRO B 216 12.25 -14.34 -17.62
N LEU B 217 11.98 -14.03 -18.88
CA LEU B 217 11.65 -15.03 -19.89
C LEU B 217 12.89 -15.86 -20.20
N GLY B 218 12.74 -17.18 -20.18
CA GLY B 218 13.87 -18.03 -20.46
C GLY B 218 13.48 -19.35 -21.12
N THR B 219 14.43 -19.92 -21.85
CA THR B 219 14.24 -21.18 -22.53
C THR B 219 15.52 -21.58 -23.25
N ARG B 220 15.61 -22.86 -23.61
CA ARG B 220 16.76 -23.34 -24.34
C ARG B 220 16.31 -23.91 -25.67
N THR B 221 15.03 -23.72 -26.00
CA THR B 221 14.50 -24.20 -27.26
C THR B 221 14.61 -23.11 -28.31
N MET B 222 14.03 -23.36 -29.48
CA MET B 222 14.05 -22.40 -30.58
C MET B 222 13.56 -21.04 -30.09
N SER B 223 14.37 -20.03 -30.33
CA SER B 223 14.01 -18.70 -29.92
C SER B 223 12.98 -18.05 -30.86
N SER B 224 11.96 -17.45 -30.26
CA SER B 224 10.93 -16.78 -31.04
C SER B 224 10.36 -15.59 -30.26
N VAL B 225 9.79 -14.64 -30.99
CA VAL B 225 9.22 -13.44 -30.38
C VAL B 225 8.02 -13.78 -29.52
N VAL B 226 8.09 -13.47 -28.24
CA VAL B 226 7.00 -13.73 -27.31
C VAL B 226 6.33 -12.41 -26.95
N PRO B 227 5.17 -12.13 -27.58
CA PRO B 227 4.44 -10.89 -27.32
C PRO B 227 3.58 -10.91 -26.08
N ILE B 228 3.19 -9.72 -25.64
CA ILE B 228 2.28 -9.57 -24.52
C ILE B 228 1.21 -8.65 -25.10
N THR B 229 -0.04 -9.06 -24.98
CA THR B 229 -1.12 -8.26 -25.52
C THR B 229 -2.14 -7.90 -24.46
N VAL B 230 -2.62 -6.67 -24.52
CA VAL B 230 -3.59 -6.15 -23.58
C VAL B 230 -4.90 -5.82 -24.29
N SER B 231 -6.00 -6.32 -23.75
CA SER B 231 -7.32 -6.04 -24.30
C SER B 231 -8.11 -5.48 -23.13
N ILE B 232 -8.72 -4.33 -23.33
CA ILE B 232 -9.46 -3.71 -22.25
C ILE B 232 -10.87 -3.34 -22.69
N ALA B 233 -11.84 -3.68 -21.87
CA ALA B 233 -13.22 -3.38 -22.18
C ALA B 233 -13.87 -2.52 -21.12
N PRO B 234 -14.21 -1.27 -21.47
CA PRO B 234 -14.85 -0.40 -20.48
C PRO B 234 -16.18 -1.07 -20.13
N MET B 235 -16.69 -0.81 -18.92
CA MET B 235 -17.96 -1.40 -18.50
C MET B 235 -18.87 -0.37 -17.86
N CYS B 236 -20.16 -0.46 -18.17
CA CYS B 236 -21.15 0.46 -17.63
C CYS B 236 -20.77 1.91 -17.84
N CYS B 237 -20.37 2.27 -19.06
CA CYS B 237 -19.99 3.64 -19.36
C CYS B 237 -21.14 4.63 -19.27
N GLU B 238 -20.84 5.79 -18.72
CA GLU B 238 -21.79 6.88 -18.58
C GLU B 238 -21.01 8.14 -18.91
N PHE B 239 -21.66 9.08 -19.58
CA PHE B 239 -21.02 10.34 -19.94
C PHE B 239 -21.98 11.49 -19.68
N ASN B 240 -21.44 12.58 -19.15
CA ASN B 240 -22.20 13.78 -18.83
C ASN B 240 -21.39 14.98 -19.28
N GLY B 241 -22.05 16.15 -19.33
CA GLY B 241 -21.36 17.36 -19.74
C GLY B 241 -20.96 17.38 -21.21
N LEU B 242 -21.93 17.15 -22.08
CA LEU B 242 -21.70 17.15 -23.52
C LEU B 242 -21.34 18.55 -24.05
N ARG B 243 -20.40 18.60 -24.97
CA ARG B 243 -19.94 19.84 -25.60
C ARG B 243 -19.23 19.45 -26.89
N HIS B 244 -18.34 20.30 -27.39
CA HIS B 244 -17.61 19.96 -28.60
C HIS B 244 -16.50 19.00 -28.21
N ALA B 245 -15.80 18.46 -29.20
CA ALA B 245 -14.73 17.52 -28.93
C ALA B 245 -13.39 18.18 -28.71
N ILE B 246 -12.70 17.74 -27.66
CA ILE B 246 -11.36 18.20 -27.34
C ILE B 246 -10.48 17.12 -27.94
N THR B 247 -10.34 17.20 -29.25
CA THR B 247 -9.56 16.22 -29.99
C THR B 247 -8.07 16.27 -29.63
N GLY C 1 -20.89 28.22 42.14
CA GLY C 1 -20.31 27.34 41.10
C GLY C 1 -19.93 25.96 41.61
N VAL C 2 -19.37 25.14 40.74
CA VAL C 2 -18.97 23.80 41.10
C VAL C 2 -17.53 23.81 41.62
N PRO C 3 -17.31 23.26 42.82
CA PRO C 3 -15.95 23.24 43.37
C PRO C 3 -15.14 22.14 42.67
N THR C 4 -13.99 22.50 42.14
CA THR C 4 -13.16 21.51 41.45
C THR C 4 -11.69 21.65 41.83
N TYR C 5 -10.88 20.73 41.32
CA TYR C 5 -9.45 20.76 41.54
C TYR C 5 -8.79 20.07 40.36
N LEU C 6 -7.67 20.62 39.91
CA LEU C 6 -6.94 20.08 38.78
C LEU C 6 -6.02 18.94 39.20
N LEU C 7 -6.01 17.89 38.38
CA LEU C 7 -5.19 16.72 38.65
C LEU C 7 -3.89 16.77 37.89
N PRO C 8 -2.91 15.97 38.30
CA PRO C 8 -1.65 15.98 37.56
C PRO C 8 -2.07 15.55 36.15
N GLY C 9 -1.37 16.03 35.13
CA GLY C 9 -1.74 15.68 33.77
C GLY C 9 -2.56 16.81 33.19
N SER C 10 -3.03 17.70 34.05
CA SER C 10 -3.82 18.84 33.59
C SER C 10 -2.96 19.73 32.69
N GLY C 11 -3.52 20.15 31.56
CA GLY C 11 -2.81 21.01 30.64
C GLY C 11 -1.82 20.33 29.72
N GLN C 12 -1.52 19.05 29.95
CA GLN C 12 -0.56 18.35 29.11
C GLN C 12 -1.15 18.02 27.74
N PHE C 13 -0.28 17.74 26.78
CA PHE C 13 -0.68 17.37 25.44
C PHE C 13 -0.10 15.98 25.13
N LEU C 14 -0.95 14.98 25.28
CA LEU C 14 -0.59 13.58 25.02
C LEU C 14 -1.01 13.28 23.58
N THR C 15 -0.05 12.97 22.72
CA THR C 15 -0.37 12.71 21.31
C THR C 15 -1.37 11.60 21.08
N THR C 16 -1.57 10.75 22.07
CA THR C 16 -2.51 9.65 21.94
C THR C 16 -3.81 9.86 22.71
N ASP C 17 -4.04 11.07 23.22
CA ASP C 17 -5.28 11.31 23.95
C ASP C 17 -6.48 11.18 23.03
N ASP C 18 -7.68 11.18 23.60
CA ASP C 18 -8.89 11.05 22.80
C ASP C 18 -10.04 11.84 23.38
N HIS C 19 -10.18 13.07 22.90
CA HIS C 19 -11.23 13.95 23.37
C HIS C 19 -11.85 14.68 22.20
N SER C 20 -12.99 15.31 22.45
CA SER C 20 -13.64 16.08 21.41
C SER C 20 -12.96 17.44 21.49
N SER C 21 -13.06 18.24 20.43
CA SER C 21 -12.46 19.57 20.46
C SER C 21 -13.30 20.53 19.63
N ALA C 22 -13.14 21.81 19.90
CA ALA C 22 -13.91 22.83 19.22
C ALA C 22 -13.91 22.73 17.71
N PRO C 23 -15.10 22.74 17.10
CA PRO C 23 -15.17 22.66 15.63
C PRO C 23 -14.81 24.03 15.06
N VAL C 24 -13.80 24.07 14.20
CA VAL C 24 -13.35 25.31 13.58
C VAL C 24 -14.42 25.95 12.71
N LEU C 25 -15.10 25.13 11.92
CA LEU C 25 -16.13 25.61 11.02
C LEU C 25 -17.50 25.15 11.45
N PRO C 26 -18.19 25.94 12.27
CA PRO C 26 -19.53 25.56 12.74
C PRO C 26 -20.53 25.42 11.59
N CYS C 27 -21.44 24.47 11.74
CA CYS C 27 -22.48 24.21 10.75
C CYS C 27 -21.94 23.70 9.42
N PHE C 28 -20.68 23.29 9.38
CA PHE C 28 -20.09 22.78 8.16
C PHE C 28 -20.76 21.45 7.83
N ASN C 29 -21.08 21.25 6.56
CA ASN C 29 -21.72 20.02 6.11
C ASN C 29 -20.73 19.22 5.23
N PRO C 30 -20.12 18.18 5.79
CA PRO C 30 -19.16 17.38 5.04
C PRO C 30 -19.80 16.75 3.81
N THR C 31 -18.98 16.49 2.79
CA THR C 31 -19.46 15.88 1.56
C THR C 31 -20.11 14.53 1.87
N PRO C 32 -21.28 14.26 1.28
CA PRO C 32 -21.97 13.00 1.53
C PRO C 32 -21.05 11.81 1.27
N GLU C 33 -21.18 10.76 2.07
CA GLU C 33 -20.37 9.59 1.88
C GLU C 33 -20.84 8.86 0.62
N MET C 34 -19.91 8.24 -0.08
CA MET C 34 -20.20 7.50 -1.29
C MET C 34 -19.54 6.15 -1.12
N HIS C 35 -20.04 5.12 -1.79
CA HIS C 35 -19.40 3.82 -1.67
C HIS C 35 -18.16 3.80 -2.53
N ILE C 36 -17.06 3.33 -1.95
CA ILE C 36 -15.79 3.25 -2.64
C ILE C 36 -15.27 1.85 -2.42
N PRO C 37 -14.80 1.19 -3.49
CA PRO C 37 -14.26 -0.17 -3.38
C PRO C 37 -13.01 -0.24 -2.51
N GLY C 38 -12.80 -1.39 -1.88
CA GLY C 38 -11.61 -1.57 -1.07
C GLY C 38 -11.49 -0.93 0.29
N GLN C 39 -12.60 -0.76 1.01
CA GLN C 39 -12.49 -0.17 2.33
C GLN C 39 -11.81 -1.15 3.27
N ILE C 40 -10.90 -0.63 4.09
CA ILE C 40 -10.19 -1.46 5.06
C ILE C 40 -10.47 -0.86 6.42
N ARG C 41 -10.84 -1.71 7.37
CA ARG C 41 -11.16 -1.24 8.71
C ARG C 41 -10.20 -1.64 9.79
N ASN C 42 -9.44 -2.71 9.57
CA ASN C 42 -8.46 -3.17 10.54
C ASN C 42 -7.19 -3.54 9.78
N MET C 43 -6.05 -3.03 10.22
CA MET C 43 -4.80 -3.30 9.55
C MET C 43 -4.50 -4.79 9.42
N LEU C 44 -5.14 -5.61 10.25
CA LEU C 44 -4.92 -7.05 10.16
C LEU C 44 -5.39 -7.55 8.81
N GLU C 45 -6.37 -6.86 8.22
CA GLU C 45 -6.90 -7.25 6.91
C GLU C 45 -5.79 -7.15 5.87
N MET C 46 -4.99 -6.10 5.97
CA MET C 46 -3.91 -5.86 5.04
C MET C 46 -2.76 -6.87 5.15
N ILE C 47 -2.33 -7.20 6.36
CA ILE C 47 -1.22 -8.13 6.50
C ILE C 47 -1.57 -9.59 6.18
N GLN C 48 -2.84 -9.85 5.91
CA GLN C 48 -3.26 -11.20 5.56
C GLN C 48 -3.04 -11.50 4.07
N VAL C 49 -2.65 -10.46 3.33
CA VAL C 49 -2.38 -10.59 1.90
C VAL C 49 -0.91 -10.93 1.74
N GLU C 50 -0.59 -12.01 1.05
CA GLU C 50 0.81 -12.36 0.90
C GLU C 50 1.57 -11.44 -0.06
N SER C 51 2.82 -11.17 0.28
CA SER C 51 3.69 -10.31 -0.51
C SER C 51 5.05 -11.01 -0.64
N MET C 52 5.88 -10.54 -1.57
CA MET C 52 7.17 -11.15 -1.84
C MET C 52 8.30 -10.93 -0.83
N MET C 53 8.95 -12.03 -0.46
CA MET C 53 10.10 -11.98 0.46
C MET C 53 11.35 -11.76 -0.39
N GLU C 54 12.23 -10.88 0.06
CA GLU C 54 13.48 -10.61 -0.65
C GLU C 54 14.49 -11.63 -0.14
N ILE C 55 14.29 -12.88 -0.54
CA ILE C 55 15.15 -13.98 -0.12
C ILE C 55 16.56 -13.88 -0.64
N ASN C 56 16.72 -13.38 -1.87
CA ASN C 56 18.04 -13.28 -2.47
C ASN C 56 18.70 -11.93 -2.20
N ASN C 57 18.72 -11.54 -0.93
CA ASN C 57 19.32 -10.27 -0.53
C ASN C 57 20.82 -10.46 -0.42
N THR C 58 21.46 -10.61 -1.57
CA THR C 58 22.90 -10.82 -1.60
C THR C 58 23.58 -9.85 -2.55
N ASP C 59 24.87 -9.65 -2.35
CA ASP C 59 25.64 -8.77 -3.21
C ASP C 59 25.69 -9.42 -4.59
N GLY C 60 25.41 -8.64 -5.63
CA GLY C 60 25.43 -9.19 -6.98
C GLY C 60 24.02 -9.33 -7.53
N ALA C 61 23.05 -9.33 -6.63
CA ALA C 61 21.64 -9.44 -7.00
C ALA C 61 21.08 -8.02 -6.93
N ASN C 62 20.65 -7.49 -8.06
CA ASN C 62 20.11 -6.14 -8.09
C ASN C 62 18.63 -6.10 -8.40
N GLY C 63 17.92 -5.20 -7.73
CA GLY C 63 16.49 -5.05 -7.95
C GLY C 63 15.67 -6.31 -7.75
N MET C 64 14.91 -6.68 -8.78
CA MET C 64 14.05 -7.84 -8.70
C MET C 64 14.77 -9.18 -8.65
N GLU C 65 16.06 -9.18 -8.96
CA GLU C 65 16.82 -10.43 -8.89
C GLU C 65 16.80 -10.88 -7.44
N ARG C 66 16.66 -9.92 -6.53
CA ARG C 66 16.64 -10.19 -5.10
C ARG C 66 15.33 -10.81 -4.64
N LEU C 67 14.30 -10.72 -5.47
CA LEU C 67 13.00 -11.26 -5.11
C LEU C 67 12.77 -12.72 -5.53
N ARG C 68 13.68 -13.26 -6.34
CA ARG C 68 13.53 -14.63 -6.77
C ARG C 68 14.73 -15.48 -6.39
N VAL C 69 14.46 -16.72 -6.00
CA VAL C 69 15.52 -17.64 -5.63
C VAL C 69 15.70 -18.62 -6.77
N ASP C 70 16.90 -18.66 -7.33
CA ASP C 70 17.17 -19.55 -8.45
C ASP C 70 17.69 -20.89 -7.97
N ILE C 71 17.09 -21.96 -8.48
CA ILE C 71 17.53 -23.30 -8.12
C ILE C 71 17.86 -24.00 -9.42
N SER C 72 18.89 -24.82 -9.41
CA SER C 72 19.27 -25.52 -10.61
C SER C 72 19.38 -27.03 -10.43
N VAL C 73 19.48 -27.74 -11.54
CA VAL C 73 19.61 -29.18 -11.50
C VAL C 73 20.88 -29.51 -10.74
N GLN C 74 20.72 -30.24 -9.64
CA GLN C 74 21.84 -30.62 -8.79
C GLN C 74 22.61 -31.83 -9.26
N ALA C 75 23.85 -31.94 -8.78
CA ALA C 75 24.71 -33.07 -9.10
C ALA C 75 24.79 -33.99 -7.89
N ASP C 76 24.51 -33.45 -6.71
CA ASP C 76 24.54 -34.21 -5.48
C ASP C 76 23.14 -34.34 -4.90
N LEU C 77 23.00 -35.19 -3.89
CA LEU C 77 21.70 -35.41 -3.29
C LEU C 77 21.45 -34.65 -2.00
N ASP C 78 20.17 -34.56 -1.62
CA ASP C 78 19.75 -33.88 -0.40
C ASP C 78 20.32 -32.47 -0.24
N GLN C 79 20.59 -31.80 -1.35
CA GLN C 79 21.17 -30.45 -1.31
C GLN C 79 20.35 -29.34 -0.66
N LEU C 80 21.04 -28.51 0.13
CA LEU C 80 20.41 -27.36 0.77
C LEU C 80 20.36 -26.30 -0.31
N LEU C 81 19.19 -25.69 -0.49
CA LEU C 81 19.01 -24.67 -1.51
C LEU C 81 19.10 -23.27 -0.95
N PHE C 82 18.50 -23.05 0.21
CA PHE C 82 18.53 -21.73 0.84
C PHE C 82 17.77 -21.78 2.15
N ASN C 83 17.97 -20.75 2.97
CA ASN C 83 17.26 -20.64 4.23
C ASN C 83 16.75 -19.21 4.30
N ILE C 84 15.83 -18.95 5.22
CA ILE C 84 15.26 -17.63 5.35
C ILE C 84 15.33 -17.15 6.78
N PRO C 85 16.04 -16.05 7.04
CA PRO C 85 16.12 -15.55 8.40
C PRO C 85 14.73 -15.03 8.75
N LEU C 86 14.19 -15.44 9.88
CA LEU C 86 12.86 -14.99 10.27
C LEU C 86 12.88 -13.69 11.09
N ASP C 87 13.85 -12.83 10.78
CA ASP C 87 13.99 -11.55 11.47
C ASP C 87 13.01 -10.54 10.87
N ILE C 88 12.10 -10.04 11.70
CA ILE C 88 11.16 -9.04 11.22
C ILE C 88 11.63 -7.71 11.79
N GLN C 89 12.32 -7.78 12.93
CA GLN C 89 12.84 -6.58 13.57
C GLN C 89 14.19 -6.21 12.96
N LEU C 90 15.04 -7.22 12.79
CA LEU C 90 16.35 -6.99 12.20
C LEU C 90 16.13 -7.08 10.69
N ASP C 91 16.81 -6.22 9.93
CA ASP C 91 16.66 -6.23 8.49
C ASP C 91 16.85 -7.64 7.93
N GLY C 92 15.93 -8.08 7.08
CA GLY C 92 16.01 -9.42 6.50
C GLY C 92 14.99 -9.62 5.41
N PRO C 93 14.98 -10.79 4.75
CA PRO C 93 14.03 -11.08 3.68
C PRO C 93 12.56 -10.80 3.98
N LEU C 94 12.18 -10.80 5.26
CA LEU C 94 10.78 -10.57 5.61
C LEU C 94 10.43 -9.13 5.94
N ARG C 95 11.44 -8.29 6.15
CA ARG C 95 11.19 -6.91 6.54
C ARG C 95 10.32 -6.07 5.60
N ASN C 96 10.64 -6.04 4.31
CA ASN C 96 9.83 -5.25 3.39
C ASN C 96 8.68 -6.00 2.75
N THR C 97 7.76 -6.46 3.59
CA THR C 97 6.59 -7.18 3.11
C THR C 97 5.39 -6.50 3.76
N LEU C 98 4.18 -6.79 3.29
CA LEU C 98 3.01 -6.16 3.89
C LEU C 98 2.98 -6.50 5.38
N VAL C 99 3.06 -7.78 5.70
CA VAL C 99 3.03 -8.19 7.10
C VAL C 99 4.22 -7.60 7.85
N GLY C 100 5.40 -7.65 7.24
CA GLY C 100 6.60 -7.11 7.86
C GLY C 100 6.52 -5.61 8.12
N ASN C 101 6.21 -4.84 7.08
CA ASN C 101 6.13 -3.39 7.20
C ASN C 101 5.14 -2.91 8.25
N ILE C 102 3.93 -3.47 8.23
CA ILE C 102 2.90 -3.06 9.17
C ILE C 102 3.21 -3.53 10.60
N SER C 103 3.77 -4.73 10.73
CA SER C 103 4.10 -5.24 12.05
C SER C 103 5.14 -4.35 12.71
N ARG C 104 6.03 -3.78 11.90
CA ARG C 104 7.08 -2.93 12.45
C ARG C 104 6.56 -1.61 13.03
N TYR C 105 5.24 -1.38 12.94
CA TYR C 105 4.64 -0.18 13.51
C TYR C 105 4.14 -0.57 14.90
N TYR C 106 4.39 -1.83 15.26
CA TYR C 106 4.01 -2.34 16.56
C TYR C 106 5.20 -3.00 17.23
N THR C 107 5.03 -3.43 18.47
CA THR C 107 6.13 -4.03 19.23
C THR C 107 5.90 -5.49 19.57
N HIS C 108 4.64 -5.87 19.72
CA HIS C 108 4.29 -7.25 20.07
C HIS C 108 3.45 -7.90 18.98
N TRP C 109 3.70 -9.19 18.75
CA TRP C 109 2.93 -9.91 17.75
C TRP C 109 2.65 -11.34 18.21
N SER C 110 1.57 -11.89 17.69
CA SER C 110 1.18 -13.24 18.02
C SER C 110 0.37 -13.77 16.85
N GLY C 111 0.58 -15.03 16.49
CA GLY C 111 -0.16 -15.60 15.39
C GLY C 111 0.66 -16.42 14.42
N SER C 112 -0.01 -17.17 13.58
CA SER C 112 0.66 -17.99 12.58
C SER C 112 0.94 -17.20 11.31
N LEU C 113 2.08 -17.48 10.72
CA LEU C 113 2.48 -16.85 9.48
C LEU C 113 2.37 -17.95 8.43
N GLU C 114 2.38 -17.57 7.15
CA GLU C 114 2.34 -18.57 6.11
C GLU C 114 3.25 -18.14 4.97
N MET C 115 4.05 -19.08 4.48
CA MET C 115 4.95 -18.80 3.36
C MET C 115 4.49 -19.63 2.18
N THR C 116 4.30 -18.96 1.06
CA THR C 116 3.87 -19.63 -0.15
C THR C 116 4.95 -19.44 -1.21
N PHE C 117 5.36 -20.54 -1.83
CA PHE C 117 6.36 -20.48 -2.87
C PHE C 117 5.74 -20.91 -4.18
N MET C 118 6.02 -20.13 -5.24
CA MET C 118 5.51 -20.43 -6.56
C MET C 118 6.69 -20.79 -7.45
N PHE C 119 6.61 -21.98 -8.07
CA PHE C 119 7.67 -22.43 -8.96
C PHE C 119 7.43 -21.80 -10.32
N CYS C 120 8.45 -21.12 -10.85
CA CYS C 120 8.32 -20.44 -12.14
C CYS C 120 9.25 -21.00 -13.21
N GLY C 121 9.44 -22.31 -13.22
CA GLY C 121 10.28 -22.91 -14.23
C GLY C 121 9.36 -23.28 -15.39
N SER C 122 9.87 -23.99 -16.38
CA SER C 122 9.04 -24.38 -17.51
C SER C 122 8.09 -25.51 -17.11
N PHE C 123 7.09 -25.76 -17.92
CA PHE C 123 6.11 -26.80 -17.65
C PHE C 123 6.76 -28.19 -17.61
N MET C 124 7.75 -28.39 -18.49
CA MET C 124 8.45 -29.65 -18.59
C MET C 124 9.40 -29.90 -17.42
N ALA C 125 9.54 -28.90 -16.55
CA ALA C 125 10.43 -29.03 -15.39
C ALA C 125 9.70 -29.67 -14.22
N THR C 126 10.37 -30.62 -13.57
CA THR C 126 9.76 -31.29 -12.42
C THR C 126 10.71 -31.27 -11.23
N GLY C 127 10.16 -31.62 -10.07
CA GLY C 127 10.97 -31.66 -8.87
C GLY C 127 10.15 -31.72 -7.60
N LYS C 128 10.81 -32.06 -6.52
CA LYS C 128 10.18 -32.12 -5.22
C LYS C 128 11.13 -31.42 -4.26
N LEU C 129 10.59 -30.50 -3.46
CA LEU C 129 11.39 -29.78 -2.49
C LEU C 129 10.79 -30.03 -1.12
N ILE C 130 11.54 -29.71 -0.08
CA ILE C 130 11.04 -29.83 1.27
C ILE C 130 11.32 -28.51 1.96
N LEU C 131 10.27 -27.90 2.50
CA LEU C 131 10.40 -26.63 3.20
C LEU C 131 10.21 -26.92 4.68
N CYS C 132 11.19 -26.52 5.48
CA CYS C 132 11.14 -26.78 6.90
C CYS C 132 11.16 -25.56 7.80
N TYR C 133 10.31 -25.57 8.81
CA TYR C 133 10.28 -24.51 9.79
C TYR C 133 10.82 -25.13 11.07
N THR C 134 11.88 -24.53 11.60
CA THR C 134 12.51 -25.04 12.80
C THR C 134 12.31 -24.11 13.98
N PRO C 135 11.55 -24.53 14.99
CA PRO C 135 11.33 -23.68 16.17
C PRO C 135 12.69 -23.37 16.79
N PRO C 136 12.83 -22.21 17.43
CA PRO C 136 14.11 -21.83 18.04
C PRO C 136 14.70 -22.78 19.06
N GLY C 137 15.96 -22.52 19.40
CA GLY C 137 16.65 -23.34 20.37
C GLY C 137 18.11 -23.56 20.03
N GLY C 138 18.36 -23.92 18.77
CA GLY C 138 19.73 -24.17 18.37
C GLY C 138 20.13 -23.45 17.11
N SER C 139 21.14 -23.99 16.43
CA SER C 139 21.65 -23.41 15.21
C SER C 139 20.77 -23.81 14.04
N CYS C 140 20.79 -23.00 13.00
CA CYS C 140 19.99 -23.30 11.83
C CYS C 140 20.53 -24.58 11.22
N PRO C 141 19.64 -25.56 10.97
CA PRO C 141 20.02 -26.85 10.38
C PRO C 141 20.63 -26.69 8.99
N THR C 142 21.64 -27.50 8.69
CA THR C 142 22.33 -27.44 7.41
C THR C 142 22.21 -28.72 6.60
N THR C 143 21.52 -29.70 7.15
CA THR C 143 21.32 -30.97 6.44
C THR C 143 19.83 -31.29 6.48
N ARG C 144 19.36 -31.96 5.44
CA ARG C 144 17.95 -32.33 5.36
C ARG C 144 17.55 -33.28 6.49
N GLU C 145 18.47 -34.17 6.87
CA GLU C 145 18.19 -35.14 7.94
C GLU C 145 17.78 -34.42 9.22
N THR C 146 18.38 -33.25 9.44
CA THR C 146 18.09 -32.46 10.62
C THR C 146 16.86 -31.59 10.43
N ALA C 147 16.83 -30.84 9.33
CA ALA C 147 15.70 -29.95 9.03
C ALA C 147 14.39 -30.70 9.02
N MET C 148 14.43 -31.87 8.39
CA MET C 148 13.28 -32.75 8.24
C MET C 148 12.54 -33.05 9.56
N LEU C 149 13.22 -32.87 10.69
CA LEU C 149 12.64 -33.14 12.00
C LEU C 149 11.69 -32.06 12.51
N GLY C 150 11.66 -30.92 11.85
CA GLY C 150 10.77 -29.85 12.27
C GLY C 150 9.46 -29.86 11.49
N THR C 151 8.73 -28.76 11.58
CA THR C 151 7.47 -28.61 10.86
C THR C 151 7.85 -28.49 9.39
N HIS C 152 7.22 -29.28 8.53
CA HIS C 152 7.56 -29.19 7.12
C HIS C 152 6.47 -29.63 6.16
N ILE C 153 6.74 -29.36 4.88
CA ILE C 153 5.84 -29.74 3.80
C ILE C 153 6.73 -30.18 2.64
N VAL C 154 6.37 -31.30 2.02
CA VAL C 154 7.12 -31.80 0.87
C VAL C 154 6.31 -31.32 -0.31
N TRP C 155 6.98 -30.57 -1.18
CA TRP C 155 6.37 -29.96 -2.35
C TRP C 155 6.71 -30.65 -3.67
N ASP C 156 5.67 -31.04 -4.40
CA ASP C 156 5.82 -31.70 -5.69
C ASP C 156 5.39 -30.72 -6.78
N PHE C 157 6.32 -30.31 -7.62
CA PHE C 157 5.99 -29.37 -8.70
C PHE C 157 4.93 -29.99 -9.61
N GLY C 158 3.90 -29.23 -9.96
CA GLY C 158 2.86 -29.75 -10.82
C GLY C 158 1.90 -28.69 -11.30
N LEU C 159 0.69 -29.08 -11.69
CA LEU C 159 -0.30 -28.13 -12.15
C LEU C 159 -0.54 -27.02 -11.13
N GLN C 160 -0.68 -27.37 -9.86
CA GLN C 160 -0.84 -26.36 -8.81
C GLN C 160 0.59 -25.86 -8.68
N SER C 161 0.81 -24.61 -9.06
CA SER C 161 2.14 -24.02 -9.05
C SER C 161 2.74 -23.66 -7.69
N SER C 162 1.90 -23.49 -6.68
CA SER C 162 2.40 -23.04 -5.40
C SER C 162 2.14 -23.93 -4.20
N ILE C 163 3.07 -23.89 -3.25
CA ILE C 163 2.93 -24.67 -2.03
C ILE C 163 2.94 -23.72 -0.84
N THR C 164 2.30 -24.13 0.24
CA THR C 164 2.26 -23.29 1.44
C THR C 164 2.83 -23.99 2.66
N LEU C 165 3.74 -23.27 3.32
CA LEU C 165 4.36 -23.75 4.55
C LEU C 165 3.76 -22.90 5.67
N ILE C 166 3.00 -23.53 6.55
CA ILE C 166 2.43 -22.79 7.67
C ILE C 166 3.48 -22.70 8.75
N ILE C 167 3.70 -21.50 9.27
CA ILE C 167 4.64 -21.33 10.37
C ILE C 167 3.67 -21.11 11.52
N PRO C 168 3.23 -22.21 12.13
CA PRO C 168 2.29 -22.14 13.23
C PRO C 168 2.81 -21.35 14.41
N TRP C 169 1.91 -20.66 15.10
CA TRP C 169 2.31 -19.90 16.25
C TRP C 169 2.70 -20.89 17.34
N ILE C 170 3.99 -21.02 17.56
CA ILE C 170 4.49 -21.90 18.60
C ILE C 170 5.40 -21.04 19.46
N SER C 171 4.85 -20.61 20.58
CA SER C 171 5.57 -19.75 21.51
C SER C 171 5.15 -20.08 22.94
N GLY C 172 6.02 -19.78 23.90
CA GLY C 172 5.68 -20.02 25.28
C GLY C 172 4.77 -18.91 25.76
N SER C 173 5.16 -17.67 25.44
CA SER C 173 4.42 -16.47 25.81
C SER C 173 3.31 -16.19 24.81
N HIS C 174 2.29 -15.46 25.25
CA HIS C 174 1.18 -15.13 24.36
C HIS C 174 1.69 -14.34 23.17
N TYR C 175 2.65 -13.45 23.41
CA TYR C 175 3.20 -12.64 22.33
C TYR C 175 4.70 -12.74 22.26
N ARG C 176 5.23 -12.39 21.08
CA ARG C 176 6.67 -12.33 20.87
C ARG C 176 6.94 -10.84 20.80
N MET C 177 8.21 -10.48 20.77
CA MET C 177 8.58 -9.09 20.81
C MET C 177 9.57 -8.74 19.70
N PHE C 178 9.50 -7.52 19.20
CA PHE C 178 10.45 -7.11 18.17
C PHE C 178 11.67 -6.46 18.83
N ASN C 179 12.44 -7.30 19.54
CA ASN C 179 13.66 -6.90 20.24
C ASN C 179 14.78 -6.56 19.27
N SER C 180 15.60 -5.60 19.65
CA SER C 180 16.74 -5.23 18.82
C SER C 180 17.79 -6.33 18.97
N ASP C 181 17.50 -7.32 19.82
CA ASP C 181 18.38 -8.45 20.05
C ASP C 181 17.79 -9.68 19.36
N ALA C 182 18.32 -10.00 18.19
CA ALA C 182 17.83 -11.13 17.40
C ALA C 182 17.92 -12.50 18.08
N LYS C 183 18.79 -12.64 19.06
CA LYS C 183 18.94 -13.92 19.74
C LYS C 183 18.17 -14.02 21.07
N SER C 184 17.32 -13.03 21.32
CA SER C 184 16.50 -12.97 22.51
C SER C 184 15.46 -14.11 22.51
N THR C 185 15.18 -14.67 23.68
CA THR C 185 14.20 -15.75 23.76
C THR C 185 12.77 -15.26 23.51
N ASN C 186 12.56 -13.95 23.59
CA ASN C 186 11.23 -13.38 23.37
C ASN C 186 11.10 -12.82 21.97
N ALA C 187 12.11 -13.06 21.14
CA ALA C 187 12.09 -12.54 19.78
C ALA C 187 12.33 -13.58 18.70
N ASN C 188 13.38 -14.39 18.85
CA ASN C 188 13.73 -15.40 17.86
C ASN C 188 12.58 -16.36 17.58
N VAL C 189 12.23 -16.48 16.29
CA VAL C 189 11.13 -17.33 15.83
C VAL C 189 11.60 -18.70 15.33
N GLY C 190 12.89 -18.81 15.01
CA GLY C 190 13.40 -20.07 14.49
C GLY C 190 13.94 -19.89 13.09
N TYR C 191 13.86 -20.93 12.27
CA TYR C 191 14.38 -20.87 10.90
C TYR C 191 13.48 -21.55 9.88
N VAL C 192 13.70 -21.18 8.63
CA VAL C 192 13.02 -21.79 7.51
C VAL C 192 14.15 -22.17 6.57
N THR C 193 14.19 -23.43 6.16
CA THR C 193 15.23 -23.89 5.26
C THR C 193 14.55 -24.65 4.14
N CYS C 194 15.21 -24.71 2.99
CA CYS C 194 14.67 -25.42 1.85
C CYS C 194 15.70 -26.35 1.24
N PHE C 195 15.33 -27.61 1.11
CA PHE C 195 16.22 -28.62 0.53
C PHE C 195 15.54 -29.31 -0.64
N MET C 196 16.35 -29.95 -1.46
CA MET C 196 15.82 -30.73 -2.57
C MET C 196 15.28 -31.99 -1.90
N GLN C 197 14.06 -32.39 -2.22
CA GLN C 197 13.54 -33.63 -1.66
C GLN C 197 14.12 -34.70 -2.59
N THR C 198 14.07 -34.42 -3.90
CA THR C 198 14.63 -35.29 -4.93
C THR C 198 15.63 -34.43 -5.70
N ASN C 199 15.16 -33.78 -6.75
CA ASN C 199 16.00 -32.90 -7.56
C ASN C 199 15.15 -32.18 -8.58
N LEU C 200 15.72 -31.14 -9.20
CA LEU C 200 15.02 -30.40 -10.23
C LEU C 200 15.44 -31.08 -11.53
N ILE C 201 14.49 -31.69 -12.24
CA ILE C 201 14.83 -32.36 -13.49
C ILE C 201 14.13 -31.69 -14.67
N VAL C 202 14.93 -31.33 -15.69
CA VAL C 202 14.38 -30.69 -16.87
C VAL C 202 14.99 -31.28 -18.13
N PRO C 203 14.26 -31.19 -19.25
CA PRO C 203 14.74 -31.71 -20.54
C PRO C 203 15.69 -30.69 -21.19
N SER C 204 16.36 -31.11 -22.26
CA SER C 204 17.33 -30.26 -22.96
C SER C 204 16.90 -28.86 -23.36
N GLU C 205 15.64 -28.70 -23.78
CA GLU C 205 15.18 -27.40 -24.24
C GLU C 205 14.61 -26.48 -23.17
N SER C 206 14.55 -26.97 -21.93
CA SER C 206 14.06 -26.16 -20.83
C SER C 206 15.28 -25.53 -20.15
N SER C 207 15.09 -24.41 -19.48
CA SER C 207 16.19 -23.78 -18.78
C SER C 207 16.52 -24.72 -17.64
N ASP C 208 17.80 -24.94 -17.37
CA ASP C 208 18.20 -25.84 -16.30
C ASP C 208 18.40 -25.09 -14.98
N THR C 209 17.97 -23.84 -14.96
CA THR C 209 18.03 -23.01 -13.76
C THR C 209 16.67 -22.33 -13.70
N CYS C 210 15.94 -22.58 -12.62
CA CYS C 210 14.61 -22.01 -12.48
C CYS C 210 14.50 -21.17 -11.22
N SER C 211 13.53 -20.27 -11.19
CA SER C 211 13.35 -19.39 -10.05
C SER C 211 12.10 -19.71 -9.23
N LEU C 212 12.18 -19.37 -7.95
CA LEU C 212 11.05 -19.55 -7.04
C LEU C 212 10.77 -18.15 -6.53
N ILE C 213 9.51 -17.87 -6.23
CA ILE C 213 9.17 -16.57 -5.66
C ILE C 213 8.50 -16.93 -4.35
N GLY C 214 9.02 -16.38 -3.25
CA GLY C 214 8.43 -16.68 -1.96
C GLY C 214 7.58 -15.53 -1.45
N PHE C 215 6.40 -15.87 -0.93
CA PHE C 215 5.49 -14.87 -0.38
C PHE C 215 5.24 -15.22 1.08
N ILE C 216 4.83 -14.23 1.86
CA ILE C 216 4.53 -14.47 3.25
C ILE C 216 3.33 -13.64 3.64
N ALA C 217 2.57 -14.12 4.61
CA ALA C 217 1.38 -13.43 5.07
C ALA C 217 1.02 -13.93 6.47
N ALA C 218 0.15 -13.18 7.14
CA ALA C 218 -0.31 -13.55 8.45
C ALA C 218 -1.65 -14.25 8.27
N LYS C 219 -2.01 -15.12 9.22
CA LYS C 219 -3.30 -15.78 9.15
C LYS C 219 -4.24 -14.96 10.02
N ASP C 220 -5.50 -15.33 10.09
CA ASP C 220 -6.48 -14.59 10.88
C ASP C 220 -6.38 -14.78 12.39
N ASP C 221 -5.38 -15.54 12.82
CA ASP C 221 -5.19 -15.74 14.26
C ASP C 221 -4.08 -14.80 14.73
N PHE C 222 -3.70 -13.87 13.85
CA PHE C 222 -2.65 -12.89 14.12
C PHE C 222 -3.14 -11.72 14.98
N SER C 223 -2.22 -11.12 15.72
CA SER C 223 -2.55 -9.99 16.59
C SER C 223 -1.31 -9.12 16.80
N LEU C 224 -1.46 -7.81 16.72
CA LEU C 224 -0.34 -6.89 16.92
C LEU C 224 -0.63 -5.90 18.04
N ARG C 225 0.37 -5.62 18.89
CA ARG C 225 0.17 -4.69 20.00
C ARG C 225 1.31 -3.70 20.20
N LEU C 226 0.99 -2.63 20.94
CA LEU C 226 1.95 -1.60 21.31
C LEU C 226 2.56 -0.88 20.12
N MET C 227 1.81 0.09 19.62
CA MET C 227 2.24 0.87 18.48
C MET C 227 3.46 1.72 18.76
N ARG C 228 4.32 1.83 17.75
CA ARG C 228 5.56 2.57 17.83
C ARG C 228 5.86 3.11 16.44
N ASP C 229 6.83 4.00 16.34
CA ASP C 229 7.20 4.53 15.03
C ASP C 229 8.05 3.51 14.32
N SER C 230 7.78 3.30 13.03
CA SER C 230 8.52 2.35 12.23
C SER C 230 9.97 2.80 12.02
N PRO C 231 10.92 1.88 12.10
CA PRO C 231 12.33 2.23 11.91
C PRO C 231 12.64 2.34 10.40
N ASP C 232 11.65 2.07 9.57
CA ASP C 232 11.85 2.07 8.13
C ASP C 232 11.81 3.40 7.39
N ILE C 233 11.63 4.50 8.10
CA ILE C 233 11.58 5.80 7.43
C ILE C 233 12.22 6.86 8.32
N GLY C 234 13.00 7.75 7.71
CA GLY C 234 13.67 8.79 8.46
C GLY C 234 13.87 10.06 7.65
N GLN C 235 14.36 11.10 8.31
CA GLN C 235 14.54 12.40 7.67
C GLN C 235 15.76 13.10 8.27
N SER C 236 16.64 13.63 7.42
CA SER C 236 17.84 14.33 7.90
C SER C 236 17.70 15.83 7.69
N ASN C 237 17.05 16.22 6.61
CA ASN C 237 16.86 17.62 6.28
C ASN C 237 15.41 17.85 5.86
N HIS C 238 15.11 19.08 5.47
CA HIS C 238 13.77 19.41 5.00
C HIS C 238 13.64 18.77 3.63
N LEU C 239 12.43 18.33 3.29
CA LEU C 239 12.23 17.75 1.97
C LEU C 239 12.18 18.94 1.02
N HIS C 240 12.53 18.72 -0.23
CA HIS C 240 12.49 19.79 -1.20
C HIS C 240 11.09 20.40 -1.24
N GLY C 241 11.02 21.74 -1.21
CA GLY C 241 9.75 22.41 -1.26
C GLY C 241 9.06 22.62 0.08
N ALA C 242 9.53 21.91 1.11
CA ALA C 242 8.95 22.03 2.44
C ALA C 242 9.04 23.45 2.97
N GLU C 243 10.20 24.08 2.77
CA GLU C 243 10.39 25.45 3.24
C GLU C 243 9.70 26.47 2.34
N ALA C 244 9.62 26.17 1.05
CA ALA C 244 8.98 27.08 0.12
C ALA C 244 7.47 27.19 0.37
N ALA C 245 6.97 26.34 1.26
CA ALA C 245 5.56 26.35 1.61
C ALA C 245 5.27 27.60 2.44
N TYR C 246 6.33 28.17 2.98
CA TYR C 246 6.21 29.39 3.80
C TYR C 246 6.53 30.62 2.97
N GLN C 247 6.70 30.43 1.67
CA GLN C 247 6.99 31.54 0.76
C GLN C 247 5.87 31.67 -0.29
N ILE D 29 -19.56 12.01 26.05
CA ILE D 29 -20.14 11.98 24.68
C ILE D 29 -19.63 13.10 23.76
N ASN D 30 -20.31 14.24 23.78
CA ASN D 30 -19.95 15.39 22.95
C ASN D 30 -20.79 16.60 23.32
N PHE D 31 -20.15 17.66 23.81
CA PHE D 31 -20.86 18.86 24.21
C PHE D 31 -20.88 19.96 23.14
N TYR D 32 -20.22 19.71 22.03
CA TYR D 32 -20.19 20.66 20.93
C TYR D 32 -21.41 20.40 20.06
N LYS D 33 -21.86 21.42 19.31
CA LYS D 33 -23.03 21.24 18.46
C LYS D 33 -22.78 20.48 17.15
N ASP D 34 -21.54 20.49 16.68
CA ASP D 34 -21.19 19.79 15.44
C ASP D 34 -20.69 18.39 15.75
N SER D 35 -21.31 17.39 15.13
CA SER D 35 -20.91 16.02 15.42
C SER D 35 -19.48 15.64 15.04
N TYR D 36 -18.89 16.37 14.09
CA TYR D 36 -17.53 16.03 13.70
C TYR D 36 -16.50 16.43 14.76
N ALA D 37 -16.94 17.19 15.76
CA ALA D 37 -16.04 17.62 16.82
C ALA D 37 -15.86 16.52 17.87
N ALA D 38 -16.74 15.51 17.82
CA ALA D 38 -16.70 14.41 18.78
C ALA D 38 -15.37 13.67 18.86
N SER D 39 -15.20 12.88 19.91
CA SER D 39 -14.00 12.09 20.10
C SER D 39 -13.98 10.91 19.12
N ALA D 40 -12.84 10.23 19.04
CA ALA D 40 -12.65 9.09 18.13
C ALA D 40 -13.74 8.02 18.13
N SER D 41 -13.83 7.29 17.02
CA SER D 41 -14.81 6.22 16.85
C SER D 41 -14.05 4.89 16.79
N LYS D 42 -13.82 4.28 17.96
CA LYS D 42 -13.07 3.03 18.03
C LYS D 42 -13.92 1.78 18.20
N GLN D 43 -15.09 1.75 17.56
CA GLN D 43 -15.98 0.61 17.68
C GLN D 43 -16.32 -0.10 16.38
N ASP D 44 -15.66 0.24 15.27
CA ASP D 44 -15.97 -0.41 14.00
C ASP D 44 -15.16 -1.71 13.84
N PHE D 45 -15.67 -2.78 14.45
CA PHE D 45 -15.02 -4.08 14.42
C PHE D 45 -15.35 -4.98 13.25
N SER D 46 -16.11 -4.49 12.29
CA SER D 46 -16.43 -5.34 11.15
C SER D 46 -15.28 -5.29 10.16
N GLN D 47 -15.14 -6.36 9.39
CA GLN D 47 -14.09 -6.44 8.40
C GLN D 47 -14.38 -7.55 7.41
N ASP D 48 -13.79 -7.45 6.24
CA ASP D 48 -13.96 -8.46 5.19
C ASP D 48 -12.63 -8.61 4.44
N PRO D 49 -11.68 -9.33 5.05
CA PRO D 49 -10.35 -9.56 4.47
C PRO D 49 -10.40 -10.05 3.03
N SER D 50 -11.36 -10.94 2.77
CA SER D 50 -11.50 -11.55 1.45
C SER D 50 -11.47 -10.58 0.26
N LYS D 51 -11.85 -9.33 0.48
CA LYS D 51 -11.83 -8.39 -0.64
C LYS D 51 -10.38 -8.12 -1.06
N PHE D 52 -9.43 -8.50 -0.20
CA PHE D 52 -8.02 -8.32 -0.51
C PHE D 52 -7.33 -9.67 -0.67
N THR D 53 -7.74 -10.66 0.12
CA THR D 53 -7.13 -11.99 0.08
C THR D 53 -7.75 -12.97 -0.91
N GLU D 54 -9.04 -12.84 -1.18
CA GLU D 54 -9.71 -13.74 -2.12
C GLU D 54 -10.66 -13.03 -3.08
N PRO D 55 -10.13 -12.09 -3.87
CA PRO D 55 -10.93 -11.34 -4.84
C PRO D 55 -11.27 -12.14 -6.10
N VAL D 56 -11.24 -13.46 -5.98
CA VAL D 56 -11.55 -14.32 -7.12
C VAL D 56 -13.03 -14.63 -7.13
N VAL D 57 -13.60 -14.70 -8.32
CA VAL D 57 -15.02 -14.96 -8.52
C VAL D 57 -15.46 -16.33 -8.03
N GLU D 58 -14.83 -17.37 -8.56
CA GLU D 58 -15.17 -18.72 -8.15
C GLU D 58 -14.48 -18.90 -6.80
N GLY D 59 -15.27 -19.08 -5.74
CA GLY D 59 -14.73 -19.25 -4.40
C GLY D 59 -13.40 -19.99 -4.32
N ALA D 62 -12.17 -25.47 0.05
CA ALA D 62 -11.65 -26.51 0.94
C ALA D 62 -10.20 -26.84 0.60
N GLY D 63 -9.94 -28.11 0.33
CA GLY D 63 -8.60 -28.55 -0.02
C GLY D 63 -8.54 -29.08 -1.45
N ALA D 64 -9.57 -28.77 -2.22
CA ALA D 64 -9.66 -29.21 -3.61
C ALA D 64 -8.71 -28.37 -4.46
N PRO D 65 -8.16 -28.95 -5.53
CA PRO D 65 -7.24 -28.20 -6.41
C PRO D 65 -7.87 -26.87 -6.85
N VAL D 66 -7.15 -25.77 -6.66
CA VAL D 66 -7.64 -24.46 -7.04
C VAL D 66 -7.71 -24.33 -8.56
N LEU D 67 -7.27 -25.37 -9.26
CA LEU D 67 -7.28 -25.40 -10.72
C LEU D 67 -7.75 -26.78 -11.21
O1 W11 E . -5.50 15.97 5.45
N2 W11 E . -5.04 15.22 4.35
C3 W11 E . -5.17 15.99 3.27
CM3 W11 E . -4.78 15.57 1.85
C4 W11 E . -5.69 17.18 3.60
C5 W11 E . -5.89 17.19 4.92
C1C W11 E . -6.47 18.35 5.70
C2C W11 E . -5.45 18.97 6.66
C3C W11 E . -6.15 20.13 7.35
O1B W11 E . -5.28 20.80 8.30
C1B W11 E . -4.99 22.20 8.34
C2B W11 E . -6.22 23.03 8.40
CM2 W11 E . -7.26 23.02 7.44
C3B W11 E . -6.38 24.02 9.42
C4B W11 E . -5.37 24.25 10.40
C5B W11 E . -4.16 23.48 10.36
C6B W11 E . -3.98 22.48 9.34
CM6 W11 E . -2.77 21.76 9.37
C2A W11 E . -5.58 25.19 11.35
N1A W11 E . -4.66 25.59 12.26
N3A W11 E . -6.73 25.87 11.53
C3A W11 E . -6.56 26.71 12.56
CM4 W11 E . -7.61 27.67 13.14
O1A W11 E . -5.29 26.57 13.05
F1 W11 E . -7.95 27.30 14.37
F2 W11 E . -7.10 28.90 13.19
F3 W11 E . -8.69 27.68 12.37
#